data_9EH3
# 
_entry.id   9EH3 
# 
_audit_conform.dict_name       mmcif_pdbx.dic 
_audit_conform.dict_version    5.403 
_audit_conform.dict_location   http://mmcif.pdb.org/dictionaries/ascii/mmcif_pdbx.dic 
# 
loop_
_database_2.database_id 
_database_2.database_code 
_database_2.pdbx_database_accession 
_database_2.pdbx_DOI 
PDB   9EH3         pdb_00009eh3 10.2210/pdb9eh3/pdb 
WWPDB D_1000289708 ?            ?                   
# 
loop_
_pdbx_audit_revision_history.ordinal 
_pdbx_audit_revision_history.data_content_type 
_pdbx_audit_revision_history.major_revision 
_pdbx_audit_revision_history.minor_revision 
_pdbx_audit_revision_history.revision_date 
_pdbx_audit_revision_history.part_number 
1 'Structure model' 1 0 2025-05-21 ? 
2 'Structure model' 1 1 2025-06-04 ? 
# 
_pdbx_audit_revision_details.ordinal             1 
_pdbx_audit_revision_details.revision_ordinal    1 
_pdbx_audit_revision_details.data_content_type   'Structure model' 
_pdbx_audit_revision_details.provider            repository 
_pdbx_audit_revision_details.type                'Initial release' 
_pdbx_audit_revision_details.description         ? 
_pdbx_audit_revision_details.details             ? 
# 
_pdbx_audit_revision_group.ordinal             1 
_pdbx_audit_revision_group.revision_ordinal    2 
_pdbx_audit_revision_group.data_content_type   'Structure model' 
_pdbx_audit_revision_group.group               'Database references' 
# 
loop_
_pdbx_audit_revision_category.ordinal 
_pdbx_audit_revision_category.revision_ordinal 
_pdbx_audit_revision_category.data_content_type 
_pdbx_audit_revision_category.category 
1 2 'Structure model' citation        
2 2 'Structure model' citation_author 
# 
loop_
_pdbx_audit_revision_item.ordinal 
_pdbx_audit_revision_item.revision_ordinal 
_pdbx_audit_revision_item.data_content_type 
_pdbx_audit_revision_item.item 
1 2 'Structure model' '_citation.journal_volume'          
2 2 'Structure model' '_citation.page_first'              
3 2 'Structure model' '_citation.page_last'               
4 2 'Structure model' '_citation_author.identifier_ORCID' 
# 
_pdbx_database_status.status_code                     REL 
_pdbx_database_status.status_code_sf                  REL 
_pdbx_database_status.status_code_mr                  ? 
_pdbx_database_status.entry_id                        9EH3 
_pdbx_database_status.recvd_initial_deposition_date   2024-11-21 
_pdbx_database_status.SG_entry                        N 
_pdbx_database_status.deposit_site                    RCSB 
_pdbx_database_status.process_site                    RCSB 
_pdbx_database_status.status_code_cs                  ? 
_pdbx_database_status.status_code_nmr_data            ? 
_pdbx_database_status.methods_development_category    ? 
_pdbx_database_status.pdb_format_compatible           Y 
# 
_pdbx_contact_author.id                 2 
_pdbx_contact_author.email              andyn@uic.edu 
_pdbx_contact_author.name_first         Andy 
_pdbx_contact_author.name_last          Nguyen 
_pdbx_contact_author.name_mi            I 
_pdbx_contact_author.role               'principal investigator/group leader' 
_pdbx_contact_author.identifier_ORCID   0000-0003-4137-6453 
# 
_audit_author.name               'Richardson-Matthews, R.M.' 
_audit_author.pdbx_ordinal       1 
_audit_author.identifier_ORCID   0000-0002-5871-0908 
# 
_citation.abstract                  ? 
_citation.abstract_id_CAS           ? 
_citation.book_id_ISBN              ? 
_citation.book_publisher            ? 
_citation.book_publisher_city       ? 
_citation.book_title                ? 
_citation.coordinate_linkage        ? 
_citation.country                   US 
_citation.database_id_Medline       ? 
_citation.details                   ? 
_citation.id                        primary 
_citation.journal_abbrev            J.Am.Chem.Soc. 
_citation.journal_id_ASTM           JACSAT 
_citation.journal_id_CSD            ? 
_citation.journal_id_ISSN           1520-5126 
_citation.journal_full              ? 
_citation.journal_issue             ? 
_citation.journal_volume            147 
_citation.language                  ? 
_citation.page_first                17433 
_citation.page_last                 17447 
_citation.title                     'Metal-alpha-Helix Peptide Frameworks.' 
_citation.year                      2025 
_citation.database_id_CSD           ? 
_citation.pdbx_database_id_DOI      10.1021/jacs.5c04078 
_citation.pdbx_database_id_PubMed   40328673 
_citation.pdbx_database_id_patent   ? 
_citation.unpublished_flag          ? 
# 
loop_
_citation_author.citation_id 
_citation_author.name 
_citation_author.ordinal 
_citation_author.identifier_ORCID 
primary 'Richardson-Matthews, R.' 1 ? 
primary 'Velko, K.'               2 ? 
primary 'Bhunia, B.'              3 ? 
primary 'Ghosh, S.'               4 ? 
primary 'Oktawiec, J.'            5 ? 
primary 'Brunzelle, J.S.'         6 ? 
primary 'Dang, V.T.'              7 ? 
primary 'Nguyen, A.I.'            8 ? 
# 
loop_
_entity.id 
_entity.type 
_entity.src_method 
_entity.pdbx_description 
_entity.formula_weight 
_entity.pdbx_number_of_molecules 
_entity.pdbx_ec 
_entity.pdbx_mutation 
_entity.pdbx_fragment 
_entity.details 
1 polymer     syn 'Co-MAHF-9 A8Q'   1032.238 2  ? ? ? ? 
2 non-polymer syn 'COBALT (II) ION' 58.933   1  ? ? ? ? 
3 water       nat water             18.015   17 ? ? ? ? 
# 
_entity_poly.entity_id                      1 
_entity_poly.type                           'polypeptide(L)' 
_entity_poly.nstd_linkage                   no 
_entity_poly.nstd_monomer                   yes 
_entity_poly.pdbx_seq_one_letter_code       '(ACE)L(AIB)E(AIB)LHQ(AIB)L(NH2)' 
_entity_poly.pdbx_seq_one_letter_code_can   XLAEALHQALX 
_entity_poly.pdbx_strand_id                 A,B 
_entity_poly.pdbx_target_identifier         ? 
# 
loop_
_pdbx_entity_nonpoly.entity_id 
_pdbx_entity_nonpoly.name 
_pdbx_entity_nonpoly.comp_id 
2 'COBALT (II) ION' CO  
3 water             HOH 
# 
loop_
_entity_poly_seq.entity_id 
_entity_poly_seq.num 
_entity_poly_seq.mon_id 
_entity_poly_seq.hetero 
1 1  ACE n 
1 2  LEU n 
1 3  AIB n 
1 4  GLU n 
1 5  AIB n 
1 6  LEU n 
1 7  HIS n 
1 8  GLN n 
1 9  AIB n 
1 10 LEU n 
1 11 NH2 n 
# 
_pdbx_entity_src_syn.entity_id              1 
_pdbx_entity_src_syn.pdbx_src_id            1 
_pdbx_entity_src_syn.pdbx_alt_source_flag   sample 
_pdbx_entity_src_syn.pdbx_beg_seq_num       1 
_pdbx_entity_src_syn.pdbx_end_seq_num       11 
_pdbx_entity_src_syn.organism_scientific    'synthetic construct' 
_pdbx_entity_src_syn.organism_common_name   ? 
_pdbx_entity_src_syn.ncbi_taxonomy_id       32630 
_pdbx_entity_src_syn.details                ? 
# 
loop_
_chem_comp.id 
_chem_comp.type 
_chem_comp.mon_nstd_flag 
_chem_comp.name 
_chem_comp.pdbx_synonyms 
_chem_comp.formula 
_chem_comp.formula_weight 
ACE non-polymer         . 'ACETYL GROUP'               ? 'C2 H4 O'        44.053  
AIB 'L-peptide linking' n 'ALPHA-AMINOISOBUTYRIC ACID' ? 'C4 H9 N O2'     103.120 
CO  non-polymer         . 'COBALT (II) ION'            ? 'Co 2'           58.933  
GLN 'L-peptide linking' y GLUTAMINE                    ? 'C5 H10 N2 O3'   146.144 
GLU 'L-peptide linking' y 'GLUTAMIC ACID'              ? 'C5 H9 N O4'     147.129 
HIS 'L-peptide linking' y HISTIDINE                    ? 'C6 H10 N3 O2 1' 156.162 
HOH non-polymer         . WATER                        ? 'H2 O'           18.015  
LEU 'L-peptide linking' y LEUCINE                      ? 'C6 H13 N O2'    131.173 
NH2 non-polymer         . 'AMINO GROUP'                ? 'H2 N'           16.023  
# 
loop_
_pdbx_poly_seq_scheme.asym_id 
_pdbx_poly_seq_scheme.entity_id 
_pdbx_poly_seq_scheme.seq_id 
_pdbx_poly_seq_scheme.mon_id 
_pdbx_poly_seq_scheme.ndb_seq_num 
_pdbx_poly_seq_scheme.pdb_seq_num 
_pdbx_poly_seq_scheme.auth_seq_num 
_pdbx_poly_seq_scheme.pdb_mon_id 
_pdbx_poly_seq_scheme.auth_mon_id 
_pdbx_poly_seq_scheme.pdb_strand_id 
_pdbx_poly_seq_scheme.pdb_ins_code 
_pdbx_poly_seq_scheme.hetero 
A 1 1  ACE 1  1  1  ACE ACY A . n 
A 1 2  LEU 2  2  2  LEU LEU A . n 
A 1 3  AIB 3  3  3  AIB AIB A . n 
A 1 4  GLU 4  4  4  GLU GLU A . n 
A 1 5  AIB 5  5  5  AIB AIB A . n 
A 1 6  LEU 6  6  6  LEU LEU A . n 
A 1 7  HIS 7  7  7  HIS HIS A . n 
A 1 8  GLN 8  8  8  GLN GLN A . n 
A 1 9  AIB 9  9  9  AIB AIB A . n 
A 1 10 LEU 10 10 10 LEU LEU A . n 
A 1 11 NH2 11 11 11 NH2 NH3 A . n 
B 1 1  ACE 1  1  1  ACE ACY B . n 
B 1 2  LEU 2  2  2  LEU LEU B . n 
B 1 3  AIB 3  3  3  AIB AIB B . n 
B 1 4  GLU 4  4  4  GLU GLU B . n 
B 1 5  AIB 5  5  5  AIB AIB B . n 
B 1 6  LEU 6  6  6  LEU LEU B . n 
B 1 7  HIS 7  7  7  HIS HIS B . n 
B 1 8  GLN 8  8  8  GLN GLN B . n 
B 1 9  AIB 9  9  9  AIB AIB B . n 
B 1 10 LEU 10 10 10 LEU LEU B . n 
B 1 11 NH2 11 11 11 NH2 NH3 B . n 
# 
loop_
_pdbx_nonpoly_scheme.asym_id 
_pdbx_nonpoly_scheme.entity_id 
_pdbx_nonpoly_scheme.mon_id 
_pdbx_nonpoly_scheme.ndb_seq_num 
_pdbx_nonpoly_scheme.pdb_seq_num 
_pdbx_nonpoly_scheme.auth_seq_num 
_pdbx_nonpoly_scheme.pdb_mon_id 
_pdbx_nonpoly_scheme.auth_mon_id 
_pdbx_nonpoly_scheme.pdb_strand_id 
_pdbx_nonpoly_scheme.pdb_ins_code 
C 2 CO  1  101 1  CO  CO  A . 
D 3 HOH 1  201 15 HOH HOH A . 
D 3 HOH 2  202 11 HOH HOH A . 
D 3 HOH 3  203 14 HOH HOH A . 
D 3 HOH 4  204 8  HOH HOH A . 
D 3 HOH 5  205 9  HOH HOH A . 
D 3 HOH 6  206 12 HOH HOH A . 
E 3 HOH 1  101 17 HOH HOH B . 
E 3 HOH 2  102 3  HOH HOH B . 
E 3 HOH 3  103 4  HOH HOH B . 
E 3 HOH 4  104 2  HOH HOH B . 
E 3 HOH 5  105 1  HOH HOH B . 
E 3 HOH 6  106 16 HOH HOH B . 
E 3 HOH 7  107 7  HOH HOH B . 
E 3 HOH 8  108 6  HOH HOH B . 
E 3 HOH 9  109 13 HOH HOH B . 
E 3 HOH 10 110 5  HOH HOH B . 
E 3 HOH 11 111 10 HOH HOH B . 
# 
loop_
_software.citation_id 
_software.classification 
_software.compiler_name 
_software.compiler_version 
_software.contact_author 
_software.contact_author_email 
_software.date 
_software.description 
_software.dependencies 
_software.hardware 
_software.language 
_software.location 
_software.mods 
_software.name 
_software.os 
_software.os_version 
_software.type 
_software.version 
_software.pdbx_ordinal 
? refinement       ? ? ? ? ? ? ? ? ? ? ? PHENIX ? ? ? 1.20.1_4487 1 
? 'data reduction' ? ? ? ? ? ? ? ? ? ? ? XDS    ? ? ? .           2 
? 'data scaling'   ? ? ? ? ? ? ? ? ? ? ? XDS    ? ? ? .           3 
? phasing          ? ? ? ? ? ? ? ? ? ? ? PHASER ? ? ? .           4 
# 
_cell.angle_alpha                  90.000 
_cell.angle_alpha_esd              ? 
_cell.angle_beta                   106.170 
_cell.angle_beta_esd               ? 
_cell.angle_gamma                  90.000 
_cell.angle_gamma_esd              ? 
_cell.entry_id                     9EH3 
_cell.details                      ? 
_cell.formula_units_Z              ? 
_cell.length_a                     9.973 
_cell.length_a_esd                 ? 
_cell.length_b                     41.838 
_cell.length_b_esd                 ? 
_cell.length_c                     16.105 
_cell.length_c_esd                 ? 
_cell.volume                       6453.979 
_cell.volume_esd                   ? 
_cell.Z_PDB                        4 
_cell.reciprocal_angle_alpha       ? 
_cell.reciprocal_angle_beta        ? 
_cell.reciprocal_angle_gamma       ? 
_cell.reciprocal_angle_alpha_esd   ? 
_cell.reciprocal_angle_beta_esd    ? 
_cell.reciprocal_angle_gamma_esd   ? 
_cell.reciprocal_length_a          ? 
_cell.reciprocal_length_b          ? 
_cell.reciprocal_length_c          ? 
_cell.reciprocal_length_a_esd      ? 
_cell.reciprocal_length_b_esd      ? 
_cell.reciprocal_length_c_esd      ? 
_cell.pdbx_unique_axis             ? 
_cell.pdbx_esd_method              ? 
# 
_symmetry.entry_id                         9EH3 
_symmetry.cell_setting                     ? 
_symmetry.Int_Tables_number                4 
_symmetry.space_group_name_Hall            'P 2yb' 
_symmetry.space_group_name_H-M             'P 1 21 1' 
_symmetry.pdbx_full_space_group_name_H-M   ? 
# 
_exptl.absorpt_coefficient_mu     ? 
_exptl.absorpt_correction_T_max   ? 
_exptl.absorpt_correction_T_min   ? 
_exptl.absorpt_correction_type    ? 
_exptl.absorpt_process_details    ? 
_exptl.entry_id                   9EH3 
_exptl.crystals_number            1 
_exptl.details                    ? 
_exptl.method                     'X-RAY DIFFRACTION' 
_exptl.method_details             ? 
# 
_exptl_crystal.colour                       ? 
_exptl_crystal.density_diffrn               ? 
_exptl_crystal.density_Matthews             1.54 
_exptl_crystal.density_method               ? 
_exptl_crystal.density_percent_sol          20.01 
_exptl_crystal.description                  ? 
_exptl_crystal.F_000                        ? 
_exptl_crystal.id                           1 
_exptl_crystal.preparation                  ? 
_exptl_crystal.size_max                     ? 
_exptl_crystal.size_mid                     ? 
_exptl_crystal.size_min                     ? 
_exptl_crystal.size_rad                     ? 
_exptl_crystal.colour_lustre                ? 
_exptl_crystal.colour_modifier              ? 
_exptl_crystal.colour_primary               ? 
_exptl_crystal.density_meas                 ? 
_exptl_crystal.density_meas_esd             ? 
_exptl_crystal.density_meas_gt              ? 
_exptl_crystal.density_meas_lt              ? 
_exptl_crystal.density_meas_temp            ? 
_exptl_crystal.density_meas_temp_esd        ? 
_exptl_crystal.density_meas_temp_gt         ? 
_exptl_crystal.density_meas_temp_lt         ? 
_exptl_crystal.pdbx_crystal_image_url       ? 
_exptl_crystal.pdbx_crystal_image_format    ? 
_exptl_crystal.pdbx_mosaicity               ? 
_exptl_crystal.pdbx_mosaicity_esd           ? 
_exptl_crystal.pdbx_mosaic_method           ? 
_exptl_crystal.pdbx_mosaic_block_size       ? 
_exptl_crystal.pdbx_mosaic_block_size_esd   ? 
# 
_exptl_crystal_grow.apparatus       ? 
_exptl_crystal_grow.atmosphere      ? 
_exptl_crystal_grow.crystal_id      1 
_exptl_crystal_grow.details         ? 
_exptl_crystal_grow.method          'SLOW COOLING' 
_exptl_crystal_grow.method_ref      ? 
_exptl_crystal_grow.pH              ? 
_exptl_crystal_grow.pressure        ? 
_exptl_crystal_grow.pressure_esd    ? 
_exptl_crystal_grow.seeding         ? 
_exptl_crystal_grow.seeding_ref     ? 
_exptl_crystal_grow.temp_details    ? 
_exptl_crystal_grow.temp_esd        ? 
_exptl_crystal_grow.time            ? 
_exptl_crystal_grow.pdbx_details    'water, acetonitrile, sodium hydroxide, cobalt acetate, methanol' 
_exptl_crystal_grow.pdbx_pH_range   ? 
_exptl_crystal_grow.temp            298 
# 
_diffrn.ambient_environment              ? 
_diffrn.ambient_temp                     100 
_diffrn.ambient_temp_details             ? 
_diffrn.ambient_temp_esd                 ? 
_diffrn.crystal_id                       1 
_diffrn.crystal_support                  ? 
_diffrn.crystal_treatment                ? 
_diffrn.details                          ? 
_diffrn.id                               1 
_diffrn.ambient_pressure                 ? 
_diffrn.ambient_pressure_esd             ? 
_diffrn.ambient_pressure_gt              ? 
_diffrn.ambient_pressure_lt              ? 
_diffrn.ambient_temp_gt                  ? 
_diffrn.ambient_temp_lt                  ? 
_diffrn.pdbx_serial_crystal_experiment   N 
# 
_diffrn_detector.details                      ? 
_diffrn_detector.detector                     PIXEL 
_diffrn_detector.diffrn_id                    1 
_diffrn_detector.type                         'DECTRIS EIGER X 16M' 
_diffrn_detector.area_resol_mean              ? 
_diffrn_detector.dtime                        ? 
_diffrn_detector.pdbx_frames_total            ? 
_diffrn_detector.pdbx_collection_time_total   ? 
_diffrn_detector.pdbx_collection_date         2024-07-24 
_diffrn_detector.pdbx_frequency               ? 
_diffrn_detector.id                           ? 
_diffrn_detector.number_of_axes               ? 
# 
_diffrn_radiation.collimation                      ? 
_diffrn_radiation.diffrn_id                        1 
_diffrn_radiation.filter_edge                      ? 
_diffrn_radiation.inhomogeneity                    ? 
_diffrn_radiation.monochromator                    ? 
_diffrn_radiation.polarisn_norm                    ? 
_diffrn_radiation.polarisn_ratio                   ? 
_diffrn_radiation.probe                            ? 
_diffrn_radiation.type                             ? 
_diffrn_radiation.xray_symbol                      ? 
_diffrn_radiation.wavelength_id                    1 
_diffrn_radiation.pdbx_monochromatic_or_laue_m_l   M 
_diffrn_radiation.pdbx_wavelength_list             ? 
_diffrn_radiation.pdbx_wavelength                  ? 
_diffrn_radiation.pdbx_diffrn_protocol             'SINGLE WAVELENGTH' 
_diffrn_radiation.pdbx_analyzer                    ? 
_diffrn_radiation.pdbx_scattering_type             x-ray 
# 
_diffrn_radiation_wavelength.id           1 
_diffrn_radiation_wavelength.wavelength   0.688790 
_diffrn_radiation_wavelength.wt           1.0 
# 
_diffrn_source.current                     ? 
_diffrn_source.details                     ? 
_diffrn_source.diffrn_id                   1 
_diffrn_source.power                       ? 
_diffrn_source.size                        ? 
_diffrn_source.source                      SYNCHROTRON 
_diffrn_source.target                      ? 
_diffrn_source.type                        'NSLS-II BEAMLINE 17-ID-2' 
_diffrn_source.voltage                     ? 
_diffrn_source.take-off_angle              ? 
_diffrn_source.pdbx_wavelength_list        0.688790 
_diffrn_source.pdbx_wavelength             ? 
_diffrn_source.pdbx_synchrotron_beamline   17-ID-2 
_diffrn_source.pdbx_synchrotron_site       NSLS-II 
# 
_reflns.B_iso_Wilson_estimate                          7.69 
_reflns.entry_id                                       9EH3 
_reflns.data_reduction_details                         ? 
_reflns.data_reduction_method                          ? 
_reflns.d_resolution_high                              0.8 
_reflns.d_resolution_low                               15.47 
_reflns.details                                        ? 
_reflns.limit_h_max                                    ? 
_reflns.limit_h_min                                    ? 
_reflns.limit_k_max                                    ? 
_reflns.limit_k_min                                    ? 
_reflns.limit_l_max                                    ? 
_reflns.limit_l_min                                    ? 
_reflns.number_all                                     ? 
_reflns.number_obs                                     25857 
_reflns.observed_criterion                             ? 
_reflns.observed_criterion_F_max                       ? 
_reflns.observed_criterion_F_min                       ? 
_reflns.observed_criterion_I_max                       ? 
_reflns.observed_criterion_I_min                       ? 
_reflns.observed_criterion_sigma_F                     ? 
_reflns.observed_criterion_sigma_I                     ? 
_reflns.percent_possible_obs                           97.63 
_reflns.R_free_details                                 ? 
_reflns.Rmerge_F_all                                   ? 
_reflns.Rmerge_F_obs                                   ? 
_reflns.Friedel_coverage                               ? 
_reflns.number_gt                                      ? 
_reflns.threshold_expression                           ? 
_reflns.pdbx_redundancy                                3.3 
_reflns.pdbx_netI_over_av_sigmaI                       ? 
_reflns.pdbx_netI_over_sigmaI                          6.24 
_reflns.pdbx_res_netI_over_av_sigmaI_2                 ? 
_reflns.pdbx_res_netI_over_sigmaI_2                    ? 
_reflns.pdbx_chi_squared                               ? 
_reflns.pdbx_scaling_rejects                           ? 
_reflns.pdbx_d_res_high_opt                            ? 
_reflns.pdbx_d_res_low_opt                             ? 
_reflns.pdbx_d_res_opt_method                          ? 
_reflns.phase_calculation_details                      ? 
_reflns.pdbx_Rrim_I_all                                ? 
_reflns.pdbx_Rpim_I_all                                ? 
_reflns.pdbx_d_opt                                     ? 
_reflns.pdbx_number_measured_all                       ? 
_reflns.pdbx_diffrn_id                                 1 
_reflns.pdbx_ordinal                                   1 
_reflns.pdbx_CC_half                                   0.993 
_reflns.pdbx_CC_star                                   ? 
_reflns.pdbx_R_split                                   ? 
_reflns.pdbx_Rmerge_I_obs                              ? 
_reflns.pdbx_Rmerge_I_all                              ? 
_reflns.pdbx_Rsym_value                                ? 
_reflns.pdbx_CC_split_method                           ? 
_reflns.pdbx_aniso_diffraction_limit_axis_1_ortho[1]   ? 
_reflns.pdbx_aniso_diffraction_limit_axis_1_ortho[2]   ? 
_reflns.pdbx_aniso_diffraction_limit_axis_1_ortho[3]   ? 
_reflns.pdbx_aniso_diffraction_limit_axis_2_ortho[1]   ? 
_reflns.pdbx_aniso_diffraction_limit_axis_2_ortho[2]   ? 
_reflns.pdbx_aniso_diffraction_limit_axis_2_ortho[3]   ? 
_reflns.pdbx_aniso_diffraction_limit_axis_3_ortho[1]   ? 
_reflns.pdbx_aniso_diffraction_limit_axis_3_ortho[2]   ? 
_reflns.pdbx_aniso_diffraction_limit_axis_3_ortho[3]   ? 
_reflns.pdbx_aniso_diffraction_limit_1                 ? 
_reflns.pdbx_aniso_diffraction_limit_2                 ? 
_reflns.pdbx_aniso_diffraction_limit_3                 ? 
_reflns.pdbx_aniso_B_tensor_eigenvector_1_ortho[1]     ? 
_reflns.pdbx_aniso_B_tensor_eigenvector_1_ortho[2]     ? 
_reflns.pdbx_aniso_B_tensor_eigenvector_1_ortho[3]     ? 
_reflns.pdbx_aniso_B_tensor_eigenvector_2_ortho[1]     ? 
_reflns.pdbx_aniso_B_tensor_eigenvector_2_ortho[2]     ? 
_reflns.pdbx_aniso_B_tensor_eigenvector_2_ortho[3]     ? 
_reflns.pdbx_aniso_B_tensor_eigenvector_3_ortho[1]     ? 
_reflns.pdbx_aniso_B_tensor_eigenvector_3_ortho[2]     ? 
_reflns.pdbx_aniso_B_tensor_eigenvector_3_ortho[3]     ? 
_reflns.pdbx_aniso_B_tensor_eigenvalue_1               ? 
_reflns.pdbx_aniso_B_tensor_eigenvalue_2               ? 
_reflns.pdbx_aniso_B_tensor_eigenvalue_3               ? 
_reflns.pdbx_orthogonalization_convention              ? 
_reflns.pdbx_percent_possible_ellipsoidal              ? 
_reflns.pdbx_percent_possible_spherical                ? 
_reflns.pdbx_percent_possible_ellipsoidal_anomalous    ? 
_reflns.pdbx_percent_possible_spherical_anomalous      ? 
_reflns.pdbx_redundancy_anomalous                      ? 
_reflns.pdbx_CC_half_anomalous                         ? 
_reflns.pdbx_absDiff_over_sigma_anomalous              ? 
_reflns.pdbx_percent_possible_anomalous                ? 
_reflns.pdbx_observed_signal_threshold                 ? 
_reflns.pdbx_signal_type                               ? 
_reflns.pdbx_signal_details                            ? 
_reflns.pdbx_signal_software_id                        ? 
# 
_reflns_shell.d_res_high                                    0.8 
_reflns_shell.d_res_low                                     0.82 
_reflns_shell.meanI_over_sigI_all                           ? 
_reflns_shell.meanI_over_sigI_obs                           0.69 
_reflns_shell.number_measured_all                           ? 
_reflns_shell.number_measured_obs                           ? 
_reflns_shell.number_possible                               ? 
_reflns_shell.number_unique_all                             ? 
_reflns_shell.number_unique_obs                             1394 
_reflns_shell.percent_possible_obs                          ? 
_reflns_shell.Rmerge_F_all                                  ? 
_reflns_shell.Rmerge_F_obs                                  ? 
_reflns_shell.meanI_over_sigI_gt                            ? 
_reflns_shell.meanI_over_uI_all                             ? 
_reflns_shell.meanI_over_uI_gt                              ? 
_reflns_shell.number_measured_gt                            ? 
_reflns_shell.number_unique_gt                              ? 
_reflns_shell.percent_possible_gt                           ? 
_reflns_shell.Rmerge_F_gt                                   ? 
_reflns_shell.Rmerge_I_gt                                   ? 
_reflns_shell.pdbx_redundancy                               ? 
_reflns_shell.pdbx_chi_squared                              ? 
_reflns_shell.pdbx_netI_over_sigmaI_all                     ? 
_reflns_shell.pdbx_netI_over_sigmaI_obs                     ? 
_reflns_shell.pdbx_Rrim_I_all                               ? 
_reflns_shell.pdbx_Rpim_I_all                               ? 
_reflns_shell.pdbx_rejects                                  ? 
_reflns_shell.pdbx_ordinal                                  1 
_reflns_shell.pdbx_diffrn_id                                1 
_reflns_shell.pdbx_CC_half                                  0.391 
_reflns_shell.pdbx_CC_star                                  ? 
_reflns_shell.pdbx_R_split                                  ? 
_reflns_shell.percent_possible_all                          90.13 
_reflns_shell.Rmerge_I_all                                  ? 
_reflns_shell.Rmerge_I_obs                                  ? 
_reflns_shell.pdbx_Rsym_value                               ? 
_reflns_shell.pdbx_percent_possible_ellipsoidal             ? 
_reflns_shell.pdbx_percent_possible_spherical               ? 
_reflns_shell.pdbx_percent_possible_ellipsoidal_anomalous   ? 
_reflns_shell.pdbx_percent_possible_spherical_anomalous     ? 
_reflns_shell.pdbx_redundancy_anomalous                     ? 
_reflns_shell.pdbx_CC_half_anomalous                        ? 
_reflns_shell.pdbx_absDiff_over_sigma_anomalous             ? 
_reflns_shell.pdbx_percent_possible_anomalous               ? 
# 
_refine.aniso_B[1][1]                            ? 
_refine.aniso_B[1][2]                            ? 
_refine.aniso_B[1][3]                            ? 
_refine.aniso_B[2][2]                            ? 
_refine.aniso_B[2][3]                            ? 
_refine.aniso_B[3][3]                            ? 
_refine.B_iso_max                                ? 
_refine.B_iso_mean                               9.38 
_refine.B_iso_min                                ? 
_refine.correlation_coeff_Fo_to_Fc               ? 
_refine.correlation_coeff_Fo_to_Fc_free          ? 
_refine.details                                  ? 
_refine.diff_density_max                         ? 
_refine.diff_density_max_esd                     ? 
_refine.diff_density_min                         ? 
_refine.diff_density_min_esd                     ? 
_refine.diff_density_rms                         ? 
_refine.diff_density_rms_esd                     ? 
_refine.entry_id                                 9EH3 
_refine.pdbx_refine_id                           'X-RAY DIFFRACTION' 
_refine.ls_abs_structure_details                 ? 
_refine.ls_abs_structure_Flack                   ? 
_refine.ls_abs_structure_Flack_esd               ? 
_refine.ls_abs_structure_Rogers                  ? 
_refine.ls_abs_structure_Rogers_esd              ? 
_refine.ls_d_res_high                            0.80 
_refine.ls_d_res_low                             15.47 
_refine.ls_extinction_coef                       ? 
_refine.ls_extinction_coef_esd                   ? 
_refine.ls_extinction_expression                 ? 
_refine.ls_extinction_method                     ? 
_refine.ls_goodness_of_fit_all                   ? 
_refine.ls_goodness_of_fit_all_esd               ? 
_refine.ls_goodness_of_fit_obs                   ? 
_refine.ls_goodness_of_fit_obs_esd               ? 
_refine.ls_hydrogen_treatment                    ? 
_refine.ls_matrix_type                           ? 
_refine.ls_number_constraints                    ? 
_refine.ls_number_parameters                     ? 
_refine.ls_number_reflns_all                     ? 
_refine.ls_number_reflns_obs                     25857 
_refine.ls_number_reflns_R_free                  2579 
_refine.ls_number_reflns_R_work                  23246 
_refine.ls_number_restraints                     ? 
_refine.ls_percent_reflns_obs                    97.63 
_refine.ls_percent_reflns_R_free                 9.99 
_refine.ls_R_factor_all                          ? 
_refine.ls_R_factor_obs                          0.1333 
_refine.ls_R_factor_R_free                       0.1527 
_refine.ls_R_factor_R_free_error                 ? 
_refine.ls_R_factor_R_free_error_details         ? 
_refine.ls_R_factor_R_work                       0.1314 
_refine.ls_R_Fsqd_factor_obs                     ? 
_refine.ls_R_I_factor_obs                        ? 
_refine.ls_redundancy_reflns_all                 ? 
_refine.ls_redundancy_reflns_obs                 ? 
_refine.ls_restrained_S_all                      ? 
_refine.ls_restrained_S_obs                      ? 
_refine.ls_shift_over_esd_max                    ? 
_refine.ls_shift_over_esd_mean                   ? 
_refine.ls_structure_factor_coef                 ? 
_refine.ls_weighting_details                     ? 
_refine.ls_weighting_scheme                      ? 
_refine.ls_wR_factor_all                         ? 
_refine.ls_wR_factor_obs                         ? 
_refine.ls_wR_factor_R_free                      ? 
_refine.ls_wR_factor_R_work                      ? 
_refine.occupancy_max                            ? 
_refine.occupancy_min                            ? 
_refine.solvent_model_details                    'FLAT BULK SOLVENT MODEL' 
_refine.solvent_model_param_bsol                 ? 
_refine.solvent_model_param_ksol                 ? 
_refine.pdbx_R_complete                          ? 
_refine.ls_R_factor_gt                           ? 
_refine.ls_goodness_of_fit_gt                    ? 
_refine.ls_goodness_of_fit_ref                   ? 
_refine.ls_shift_over_su_max                     ? 
_refine.ls_shift_over_su_max_lt                  ? 
_refine.ls_shift_over_su_mean                    ? 
_refine.ls_shift_over_su_mean_lt                 ? 
_refine.pdbx_ls_sigma_I                          ? 
_refine.pdbx_ls_sigma_F                          1.37 
_refine.pdbx_ls_sigma_Fsqd                       ? 
_refine.pdbx_data_cutoff_high_absF               ? 
_refine.pdbx_data_cutoff_high_rms_absF           ? 
_refine.pdbx_data_cutoff_low_absF                ? 
_refine.pdbx_isotropic_thermal_model             ? 
_refine.pdbx_ls_cross_valid_method               'FREE R-VALUE' 
_refine.pdbx_method_to_determine_struct          'MOLECULAR REPLACEMENT' 
_refine.pdbx_starting_model                      ? 
_refine.pdbx_stereochemistry_target_values       'GeoStd + Monomer Library + CDL v1.2' 
_refine.pdbx_R_Free_selection_details            ? 
_refine.pdbx_stereochem_target_val_spec_case     ? 
_refine.pdbx_overall_ESU_R                       ? 
_refine.pdbx_overall_ESU_R_Free                  ? 
_refine.pdbx_solvent_vdw_probe_radii             1.1000 
_refine.pdbx_solvent_ion_probe_radii             ? 
_refine.pdbx_solvent_shrinkage_radii             0.9000 
_refine.pdbx_real_space_R                        ? 
_refine.pdbx_density_correlation                 ? 
_refine.pdbx_pd_number_of_powder_patterns        ? 
_refine.pdbx_pd_number_of_points                 ? 
_refine.pdbx_pd_meas_number_of_points            ? 
_refine.pdbx_pd_proc_ls_prof_R_factor            ? 
_refine.pdbx_pd_proc_ls_prof_wR_factor           ? 
_refine.pdbx_pd_Marquardt_correlation_coeff      ? 
_refine.pdbx_pd_Fsqrd_R_factor                   ? 
_refine.pdbx_pd_ls_matrix_band_width             ? 
_refine.pdbx_overall_phase_error                 21.7117 
_refine.pdbx_overall_SU_R_free_Cruickshank_DPI   ? 
_refine.pdbx_overall_SU_R_free_Blow_DPI          ? 
_refine.pdbx_overall_SU_R_Blow_DPI               ? 
_refine.pdbx_TLS_residual_ADP_flag               ? 
_refine.pdbx_diffrn_id                           1 
_refine.overall_SU_B                             ? 
_refine.overall_SU_ML                            0.0896 
_refine.overall_SU_R_Cruickshank_DPI             ? 
_refine.overall_SU_R_free                        ? 
_refine.overall_FOM_free_R_set                   ? 
_refine.overall_FOM_work_R_set                   ? 
_refine.pdbx_average_fsc_overall                 ? 
_refine.pdbx_average_fsc_work                    ? 
_refine.pdbx_average_fsc_free                    ? 
# 
_refine_hist.pdbx_refine_id                   'X-RAY DIFFRACTION' 
_refine_hist.cycle_id                         LAST 
_refine_hist.details                          ? 
_refine_hist.d_res_high                       0.80 
_refine_hist.d_res_low                        15.47 
_refine_hist.number_atoms_solvent             17 
_refine_hist.number_atoms_total               166 
_refine_hist.number_reflns_all                ? 
_refine_hist.number_reflns_obs                ? 
_refine_hist.number_reflns_R_free             ? 
_refine_hist.number_reflns_R_work             ? 
_refine_hist.R_factor_all                     ? 
_refine_hist.R_factor_obs                     ? 
_refine_hist.R_factor_R_free                  ? 
_refine_hist.R_factor_R_work                  ? 
_refine_hist.pdbx_number_residues_total       ? 
_refine_hist.pdbx_B_iso_mean_ligand           ? 
_refine_hist.pdbx_B_iso_mean_solvent          ? 
_refine_hist.pdbx_number_atoms_protein        140 
_refine_hist.pdbx_number_atoms_nucleic_acid   0 
_refine_hist.pdbx_number_atoms_ligand         9 
_refine_hist.pdbx_number_atoms_lipid          ? 
_refine_hist.pdbx_number_atoms_carb           ? 
_refine_hist.pdbx_pseudo_atom_details         ? 
# 
loop_
_refine_ls_restr.pdbx_refine_id 
_refine_ls_restr.criterion 
_refine_ls_restr.dev_ideal 
_refine_ls_restr.dev_ideal_target 
_refine_ls_restr.number 
_refine_ls_restr.rejects 
_refine_ls_restr.type 
_refine_ls_restr.weight 
_refine_ls_restr.pdbx_restraint_function 
'X-RAY DIFFRACTION' ? 0.0096  ? 154 ? f_bond_d           ? ? 
'X-RAY DIFFRACTION' ? 1.6973  ? 215 ? f_angle_d          ? ? 
'X-RAY DIFFRACTION' ? 0.0672  ? 19  ? f_chiral_restr     ? ? 
'X-RAY DIFFRACTION' ? 0.0084  ? 25  ? f_plane_restr      ? ? 
'X-RAY DIFFRACTION' ? 22.9340 ? 24  ? f_dihedral_angle_d ? ? 
# 
loop_
_refine_ls_shell.pdbx_refine_id 
_refine_ls_shell.d_res_high 
_refine_ls_shell.d_res_low 
_refine_ls_shell.number_reflns_all 
_refine_ls_shell.number_reflns_obs 
_refine_ls_shell.number_reflns_R_free 
_refine_ls_shell.number_reflns_R_work 
_refine_ls_shell.percent_reflns_obs 
_refine_ls_shell.percent_reflns_R_free 
_refine_ls_shell.R_factor_all 
_refine_ls_shell.R_factor_obs 
_refine_ls_shell.R_factor_R_free_error 
_refine_ls_shell.R_factor_R_work 
_refine_ls_shell.redundancy_reflns_all 
_refine_ls_shell.redundancy_reflns_obs 
_refine_ls_shell.wR_factor_all 
_refine_ls_shell.wR_factor_obs 
_refine_ls_shell.wR_factor_R_free 
_refine_ls_shell.wR_factor_R_work 
_refine_ls_shell.pdbx_R_complete 
_refine_ls_shell.pdbx_total_number_of_bins_used 
_refine_ls_shell.pdbx_phase_error 
_refine_ls_shell.pdbx_fsc_work 
_refine_ls_shell.pdbx_fsc_free 
_refine_ls_shell.R_factor_R_free 
'X-RAY DIFFRACTION' 0.80 0.82  . . 117 1274 90.44 . . . . 0.3225 . . . . . . . . . . . 0.3698 
'X-RAY DIFFRACTION' 0.82 0.83  . . 153 1171 91.44 . . . . 0.2904 . . . . . . . . . . . 0.3092 
'X-RAY DIFFRACTION' 0.83 0.85  . . 134 1309 98.77 . . . . 0.2819 . . . . . . . . . . . 0.3161 
'X-RAY DIFFRACTION' 0.85 0.87  . . 147 1267 98.95 . . . . 0.2918 . . . . . . . . . . . 0.2972 
'X-RAY DIFFRACTION' 0.87 0.89  . . 148 1349 99.40 . . . . 0.2587 . . . . . . . . . . . 0.2453 
'X-RAY DIFFRACTION' 0.89 0.92  . . 144 1321 98.52 . . . . 0.2344 . . . . . . . . . . . 0.2625 
'X-RAY DIFFRACTION' 0.92 0.94  . . 135 1272 99.86 . . . . 0.2157 . . . . . . . . . . . 0.2521 
'X-RAY DIFFRACTION' 0.94 0.97  . . 151 1334 99.80 . . . . 0.1846 . . . . . . . . . . . 0.2006 
'X-RAY DIFFRACTION' 0.97 1.01  . . 148 1340 99.40 . . . . 0.1552 . . . . . . . . . . . 0.1669 
'X-RAY DIFFRACTION' 1.01 1.05  . . 140 1287 99.72 . . . . 0.1394 . . . . . . . . . . . 0.1945 
'X-RAY DIFFRACTION' 1.05 1.10  . . 151 1360 99.74 . . . . 0.1348 . . . . . . . . . . . 0.1840 
'X-RAY DIFFRACTION' 1.10 1.15  . . 145 1288 99.44 . . . . 0.1124 . . . . . . . . . . . 0.1371 
'X-RAY DIFFRACTION' 1.15 1.23  . . 150 1302 99.25 . . . . 0.1185 . . . . . . . . . . . 0.1252 
'X-RAY DIFFRACTION' 1.23 1.32  . . 122 1153 88.24 . . . . 0.1230 . . . . . . . . . . . 0.1452 
'X-RAY DIFFRACTION' 1.32 1.45  . . 152 1347 99.80 . . . . 0.1231 . . . . . . . . . . . 0.1251 
'X-RAY DIFFRACTION' 1.45 1.66  . . 142 1332 99.53 . . . . 0.1155 . . . . . . . . . . . 0.1559 
'X-RAY DIFFRACTION' 1.66 2.09  . . 150 1281 99.79 . . . . 0.1083 . . . . . . . . . . . 0.1264 
'X-RAY DIFFRACTION' 2.10 15.47 . . 150 1259 95.59 . . . . 0.0933 . . . . . . . . . . . 0.1196 
# 
_struct.entry_id                     9EH3 
_struct.title                        'Co-MAHF-9 A8Q Metal Alpha-Helix Frameworks' 
_struct.pdbx_model_details           ? 
_struct.pdbx_formula_weight          ? 
_struct.pdbx_formula_weight_method   ? 
_struct.pdbx_model_type_details      ? 
_struct.pdbx_CASP_flag               N 
# 
_struct_keywords.entry_id        9EH3 
_struct_keywords.text            'synthetic construct, DE NOVO PROTEIN' 
_struct_keywords.pdbx_keywords   'DE NOVO PROTEIN' 
# 
loop_
_struct_asym.id 
_struct_asym.pdbx_blank_PDB_chainid_flag 
_struct_asym.pdbx_modified 
_struct_asym.entity_id 
_struct_asym.details 
A N N 1 ? 
B N N 1 ? 
C N N 2 ? 
D N N 3 ? 
E N N 3 ? 
# 
_struct_ref.id                         1 
_struct_ref.db_name                    PDB 
_struct_ref.db_code                    9EH3 
_struct_ref.pdbx_db_accession          9EH3 
_struct_ref.pdbx_db_isoform            ? 
_struct_ref.entity_id                  1 
_struct_ref.pdbx_seq_one_letter_code   ? 
_struct_ref.pdbx_align_begin           1 
# 
loop_
_struct_ref_seq.align_id 
_struct_ref_seq.ref_id 
_struct_ref_seq.pdbx_PDB_id_code 
_struct_ref_seq.pdbx_strand_id 
_struct_ref_seq.seq_align_beg 
_struct_ref_seq.pdbx_seq_align_beg_ins_code 
_struct_ref_seq.seq_align_end 
_struct_ref_seq.pdbx_seq_align_end_ins_code 
_struct_ref_seq.pdbx_db_accession 
_struct_ref_seq.db_align_beg 
_struct_ref_seq.pdbx_db_align_beg_ins_code 
_struct_ref_seq.db_align_end 
_struct_ref_seq.pdbx_db_align_end_ins_code 
_struct_ref_seq.pdbx_auth_seq_align_beg 
_struct_ref_seq.pdbx_auth_seq_align_end 
1 1 9EH3 A 1 ? 11 ? 9EH3 1 ? 11 ? 1 11 
2 1 9EH3 B 1 ? 11 ? 9EH3 1 ? 11 ? 1 11 
# 
loop_
_pdbx_struct_assembly.id 
_pdbx_struct_assembly.details 
_pdbx_struct_assembly.method_details 
_pdbx_struct_assembly.oligomeric_details 
_pdbx_struct_assembly.oligomeric_count 
1 author_and_software_defined_assembly PISA monomeric 1 
2 author_and_software_defined_assembly PISA monomeric 1 
# 
loop_
_pdbx_struct_assembly_gen.assembly_id 
_pdbx_struct_assembly_gen.oper_expression 
_pdbx_struct_assembly_gen.asym_id_list 
1 1 A,C,D 
2 1 B,E   
# 
_pdbx_struct_assembly_auth_evidence.id                     1 
_pdbx_struct_assembly_auth_evidence.assembly_id            1 
_pdbx_struct_assembly_auth_evidence.experimental_support   none 
_pdbx_struct_assembly_auth_evidence.details                ? 
# 
_pdbx_struct_oper_list.id                   1 
_pdbx_struct_oper_list.type                 'identity operation' 
_pdbx_struct_oper_list.name                 1_555 
_pdbx_struct_oper_list.symmetry_operation   x,y,z 
_pdbx_struct_oper_list.matrix[1][1]         1.0000000000 
_pdbx_struct_oper_list.matrix[1][2]         0.0000000000 
_pdbx_struct_oper_list.matrix[1][3]         0.0000000000 
_pdbx_struct_oper_list.vector[1]            0.0000000000 
_pdbx_struct_oper_list.matrix[2][1]         0.0000000000 
_pdbx_struct_oper_list.matrix[2][2]         1.0000000000 
_pdbx_struct_oper_list.matrix[2][3]         0.0000000000 
_pdbx_struct_oper_list.vector[2]            0.0000000000 
_pdbx_struct_oper_list.matrix[3][1]         0.0000000000 
_pdbx_struct_oper_list.matrix[3][2]         0.0000000000 
_pdbx_struct_oper_list.matrix[3][3]         1.0000000000 
_pdbx_struct_oper_list.vector[3]            0.0000000000 
# 
loop_
_struct_conf.conf_type_id 
_struct_conf.id 
_struct_conf.pdbx_PDB_helix_id 
_struct_conf.beg_label_comp_id 
_struct_conf.beg_label_asym_id 
_struct_conf.beg_label_seq_id 
_struct_conf.pdbx_beg_PDB_ins_code 
_struct_conf.end_label_comp_id 
_struct_conf.end_label_asym_id 
_struct_conf.end_label_seq_id 
_struct_conf.pdbx_end_PDB_ins_code 
_struct_conf.beg_auth_comp_id 
_struct_conf.beg_auth_asym_id 
_struct_conf.beg_auth_seq_id 
_struct_conf.end_auth_comp_id 
_struct_conf.end_auth_asym_id 
_struct_conf.end_auth_seq_id 
_struct_conf.pdbx_PDB_helix_class 
_struct_conf.details 
_struct_conf.pdbx_PDB_helix_length 
HELX_P HELX_P1 AA1 LEU A 2 ? LEU A 10 ? LEU A 2 LEU A 10 1 ? 9 
HELX_P HELX_P2 AA2 LEU B 2 ? LEU B 10 ? LEU B 2 LEU B 10 1 ? 9 
# 
_struct_conf_type.id          HELX_P 
_struct_conf_type.criteria    ? 
_struct_conf_type.reference   ? 
# 
loop_
_struct_conn.id 
_struct_conn.conn_type_id 
_struct_conn.pdbx_leaving_atom_flag 
_struct_conn.pdbx_PDB_id 
_struct_conn.ptnr1_label_asym_id 
_struct_conn.ptnr1_label_comp_id 
_struct_conn.ptnr1_label_seq_id 
_struct_conn.ptnr1_label_atom_id 
_struct_conn.pdbx_ptnr1_label_alt_id 
_struct_conn.pdbx_ptnr1_PDB_ins_code 
_struct_conn.pdbx_ptnr1_standard_comp_id 
_struct_conn.ptnr1_symmetry 
_struct_conn.ptnr2_label_asym_id 
_struct_conn.ptnr2_label_comp_id 
_struct_conn.ptnr2_label_seq_id 
_struct_conn.ptnr2_label_atom_id 
_struct_conn.pdbx_ptnr2_label_alt_id 
_struct_conn.pdbx_ptnr2_PDB_ins_code 
_struct_conn.ptnr1_auth_asym_id 
_struct_conn.ptnr1_auth_comp_id 
_struct_conn.ptnr1_auth_seq_id 
_struct_conn.ptnr2_auth_asym_id 
_struct_conn.ptnr2_auth_comp_id 
_struct_conn.ptnr2_auth_seq_id 
_struct_conn.ptnr2_symmetry 
_struct_conn.pdbx_ptnr3_label_atom_id 
_struct_conn.pdbx_ptnr3_label_seq_id 
_struct_conn.pdbx_ptnr3_label_comp_id 
_struct_conn.pdbx_ptnr3_label_asym_id 
_struct_conn.pdbx_ptnr3_label_alt_id 
_struct_conn.pdbx_ptnr3_PDB_ins_code 
_struct_conn.details 
_struct_conn.pdbx_dist_value 
_struct_conn.pdbx_value_order 
_struct_conn.pdbx_role 
covale1  covale both ? A ACE 1  C   ? ? ? 1_555 A LEU 2  N   ? ? A ACE 1   A LEU 2   1_555 ? ? ? ? ? ? ? 1.412 ? ? 
covale2  covale both ? A LEU 2  C   ? ? ? 1_555 A AIB 3  N   ? ? A LEU 2   A AIB 3   1_555 ? ? ? ? ? ? ? 1.331 ? ? 
covale3  covale both ? A AIB 3  C   ? ? ? 1_555 A GLU 4  N   ? ? A AIB 3   A GLU 4   1_555 ? ? ? ? ? ? ? 1.326 ? ? 
covale4  covale both ? A GLU 4  C   ? ? ? 1_555 A AIB 5  N   ? ? A GLU 4   A AIB 5   1_555 ? ? ? ? ? ? ? 1.329 ? ? 
covale5  covale both ? A AIB 5  C   ? ? ? 1_555 A LEU 6  N   ? ? A AIB 5   A LEU 6   1_555 ? ? ? ? ? ? ? 1.331 ? ? 
covale6  covale both ? A GLN 8  C   ? ? ? 1_555 A AIB 9  N   ? ? A GLN 8   A AIB 9   1_555 ? ? ? ? ? ? ? 1.329 ? ? 
covale7  covale both ? A AIB 9  C   ? ? ? 1_555 A LEU 10 N   ? ? A AIB 9   A LEU 10  1_555 ? ? ? ? ? ? ? 1.329 ? ? 
covale8  covale both ? A LEU 10 C   ? ? ? 1_555 A NH2 11 N   ? ? A LEU 10  A NH2 11  1_555 ? ? ? ? ? ? ? 1.428 ? ? 
covale9  covale both ? B ACE 1  C   ? ? ? 1_555 B LEU 2  N   ? ? B ACE 1   B LEU 2   1_555 ? ? ? ? ? ? ? 1.420 ? ? 
covale10 covale both ? B LEU 2  C   ? ? ? 1_555 B AIB 3  N   ? ? B LEU 2   B AIB 3   1_555 ? ? ? ? ? ? ? 1.330 ? ? 
covale11 covale both ? B AIB 3  C   ? ? ? 1_555 B GLU 4  N   ? ? B AIB 3   B GLU 4   1_555 ? ? ? ? ? ? ? 1.326 ? ? 
covale12 covale both ? B GLU 4  C   ? ? ? 1_555 B AIB 5  N   ? ? B GLU 4   B AIB 5   1_555 ? ? ? ? ? ? ? 1.331 ? ? 
covale13 covale both ? B AIB 5  C   ? ? ? 1_555 B LEU 6  N   ? ? B AIB 5   B LEU 6   1_555 ? ? ? ? ? ? ? 1.327 ? ? 
covale14 covale both ? B GLN 8  C   A ? ? 1_555 B AIB 9  N   ? ? B GLN 8   B AIB 9   1_555 ? ? ? ? ? ? ? 1.327 ? ? 
covale15 covale both ? B GLN 8  C   B ? ? 1_555 B AIB 9  N   ? ? B GLN 8   B AIB 9   1_555 ? ? ? ? ? ? ? 1.328 ? ? 
covale16 covale both ? B AIB 9  C   ? ? ? 1_555 B LEU 10 N   ? ? B AIB 9   B LEU 10  1_555 ? ? ? ? ? ? ? 1.335 ? ? 
covale17 covale both ? B LEU 10 C   ? ? ? 1_555 B NH2 11 N   ? ? B LEU 10  B NH2 11  1_555 ? ? ? ? ? ? ? 1.426 ? ? 
metalc1  metalc ?    ? A GLU 4  OE1 ? ? ? 1_555 C CO  .  CO  ? ? A GLU 4   A CO  101 1_555 ? ? ? ? ? ? ? 2.152 ? ? 
metalc2  metalc ?    ? A GLU 4  OE2 ? ? ? 1_555 C CO  .  CO  ? ? A GLU 4   A CO  101 1_555 ? ? ? ? ? ? ? 2.319 ? ? 
metalc3  metalc ?    ? A HIS 7  ND1 ? ? ? 1_555 C CO  .  CO  ? ? A HIS 7   A CO  101 1_555 ? ? ? ? ? ? ? 2.094 ? ? 
metalc4  metalc ?    ? C CO  .  CO  ? ? ? 2_444 B HIS 7  NE2 ? ? A CO  101 B HIS 7   1_555 ? ? ? ? ? ? ? 2.159 ? ? 
metalc5  metalc ?    ? C CO  .  CO  ? ? ? 1_555 E HOH .  O   ? ? A CO  101 B HOH 104 2_454 ? ? ? ? ? ? ? 2.141 ? ? 
metalc6  metalc ?    ? C CO  .  CO  ? ? ? 1_555 E HOH .  O   ? ? A CO  101 B HOH 105 2_454 ? ? ? ? ? ? ? 2.135 ? ? 
# 
loop_
_struct_conn_type.id 
_struct_conn_type.criteria 
_struct_conn_type.reference 
covale ? ? 
metalc ? ? 
# 
loop_
_pdbx_struct_conn_angle.id 
_pdbx_struct_conn_angle.ptnr1_label_atom_id 
_pdbx_struct_conn_angle.ptnr1_label_alt_id 
_pdbx_struct_conn_angle.ptnr1_label_asym_id 
_pdbx_struct_conn_angle.ptnr1_label_comp_id 
_pdbx_struct_conn_angle.ptnr1_label_seq_id 
_pdbx_struct_conn_angle.ptnr1_auth_atom_id 
_pdbx_struct_conn_angle.ptnr1_auth_asym_id 
_pdbx_struct_conn_angle.ptnr1_auth_comp_id 
_pdbx_struct_conn_angle.ptnr1_auth_seq_id 
_pdbx_struct_conn_angle.ptnr1_PDB_ins_code 
_pdbx_struct_conn_angle.ptnr1_symmetry 
_pdbx_struct_conn_angle.ptnr2_label_atom_id 
_pdbx_struct_conn_angle.ptnr2_label_alt_id 
_pdbx_struct_conn_angle.ptnr2_label_asym_id 
_pdbx_struct_conn_angle.ptnr2_label_comp_id 
_pdbx_struct_conn_angle.ptnr2_label_seq_id 
_pdbx_struct_conn_angle.ptnr2_auth_atom_id 
_pdbx_struct_conn_angle.ptnr2_auth_asym_id 
_pdbx_struct_conn_angle.ptnr2_auth_comp_id 
_pdbx_struct_conn_angle.ptnr2_auth_seq_id 
_pdbx_struct_conn_angle.ptnr2_PDB_ins_code 
_pdbx_struct_conn_angle.ptnr2_symmetry 
_pdbx_struct_conn_angle.ptnr3_label_atom_id 
_pdbx_struct_conn_angle.ptnr3_label_alt_id 
_pdbx_struct_conn_angle.ptnr3_label_asym_id 
_pdbx_struct_conn_angle.ptnr3_label_comp_id 
_pdbx_struct_conn_angle.ptnr3_label_seq_id 
_pdbx_struct_conn_angle.ptnr3_auth_atom_id 
_pdbx_struct_conn_angle.ptnr3_auth_asym_id 
_pdbx_struct_conn_angle.ptnr3_auth_comp_id 
_pdbx_struct_conn_angle.ptnr3_auth_seq_id 
_pdbx_struct_conn_angle.ptnr3_PDB_ins_code 
_pdbx_struct_conn_angle.ptnr3_symmetry 
_pdbx_struct_conn_angle.value 
_pdbx_struct_conn_angle.value_esd 
1  OE1 ? A GLU 4 ? A GLU 4   ? 1_555 CO ? C CO . ? A CO 101 ? 1_555 OE2 ? A GLU 4 ? A GLU 4   ? 1_555 58.5  ? 
2  OE1 ? A GLU 4 ? A GLU 4   ? 1_555 CO ? C CO . ? A CO 101 ? 1_555 ND1 ? A HIS 7 ? A HIS 7   ? 1_555 97.4  ? 
3  OE2 ? A GLU 4 ? A GLU 4   ? 1_555 CO ? C CO . ? A CO 101 ? 1_555 ND1 ? A HIS 7 ? A HIS 7   ? 1_555 89.1  ? 
4  OE1 ? A GLU 4 ? A GLU 4   ? 1_555 CO ? C CO . ? A CO 101 ? 1_555 NE2 ? B HIS 7 ? B HIS 7   ? 1_555 68.2  ? 
5  OE2 ? A GLU 4 ? A GLU 4   ? 1_555 CO ? C CO . ? A CO 101 ? 1_555 NE2 ? B HIS 7 ? B HIS 7   ? 1_555 81.1  ? 
6  ND1 ? A HIS 7 ? A HIS 7   ? 1_555 CO ? C CO . ? A CO 101 ? 1_555 NE2 ? B HIS 7 ? B HIS 7   ? 1_555 30.4  ? 
7  OE1 ? A GLU 4 ? A GLU 4   ? 1_555 CO ? C CO . ? A CO 101 ? 1_555 O   ? E HOH . ? B HOH 104 ? 2_454 86.1  ? 
8  OE2 ? A GLU 4 ? A GLU 4   ? 1_555 CO ? C CO . ? A CO 101 ? 1_555 O   ? E HOH . ? B HOH 104 ? 2_454 84.1  ? 
9  ND1 ? A HIS 7 ? A HIS 7   ? 1_555 CO ? C CO . ? A CO 101 ? 1_555 O   ? E HOH . ? B HOH 104 ? 2_454 169.3 ? 
10 NE2 ? B HIS 7 ? B HIS 7   ? 1_555 CO ? C CO . ? A CO 101 ? 1_555 O   ? E HOH . ? B HOH 104 ? 2_454 154.2 ? 
11 OE1 ? A GLU 4 ? A GLU 4   ? 1_555 CO ? C CO . ? A CO 101 ? 1_555 O   ? E HOH . ? B HOH 105 ? 2_454 159.1 ? 
12 OE2 ? A GLU 4 ? A GLU 4   ? 1_555 CO ? C CO . ? A CO 101 ? 1_555 O   ? E HOH . ? B HOH 105 ? 2_454 101.6 ? 
13 ND1 ? A HIS 7 ? A HIS 7   ? 1_555 CO ? C CO . ? A CO 101 ? 1_555 O   ? E HOH . ? B HOH 105 ? 2_454 87.7  ? 
14 NE2 ? B HIS 7 ? B HIS 7   ? 1_555 CO ? C CO . ? A CO 101 ? 1_555 O   ? E HOH . ? B HOH 105 ? 2_454 117.9 ? 
15 O   ? E HOH . ? B HOH 104 ? 2_454 CO ? C CO . ? A CO 101 ? 1_555 O   ? E HOH . ? B HOH 105 ? 2_454 85.6  ? 
# 
loop_
_pdbx_modification_feature.ordinal 
_pdbx_modification_feature.label_comp_id 
_pdbx_modification_feature.label_asym_id 
_pdbx_modification_feature.label_seq_id 
_pdbx_modification_feature.label_alt_id 
_pdbx_modification_feature.modified_residue_label_comp_id 
_pdbx_modification_feature.modified_residue_label_asym_id 
_pdbx_modification_feature.modified_residue_label_seq_id 
_pdbx_modification_feature.modified_residue_label_alt_id 
_pdbx_modification_feature.auth_comp_id 
_pdbx_modification_feature.auth_asym_id 
_pdbx_modification_feature.auth_seq_id 
_pdbx_modification_feature.PDB_ins_code 
_pdbx_modification_feature.symmetry 
_pdbx_modification_feature.modified_residue_auth_comp_id 
_pdbx_modification_feature.modified_residue_auth_asym_id 
_pdbx_modification_feature.modified_residue_auth_seq_id 
_pdbx_modification_feature.modified_residue_PDB_ins_code 
_pdbx_modification_feature.modified_residue_symmetry 
_pdbx_modification_feature.comp_id_linking_atom 
_pdbx_modification_feature.modified_residue_id_linking_atom 
_pdbx_modification_feature.modified_residue_id 
_pdbx_modification_feature.ref_pcm_id 
_pdbx_modification_feature.ref_comp_id 
_pdbx_modification_feature.type 
_pdbx_modification_feature.category 
1  AIB A 3  ? .   . .  . AIB A 3  ? 1_555 .   . .  . .     . . ALA 1  AIB Methylation 'Named protein modification' 
2  AIB A 5  ? .   . .  . AIB A 5  ? 1_555 .   . .  . .     . . ALA 1  AIB Methylation 'Named protein modification' 
3  AIB A 9  ? .   . .  . AIB A 9  ? 1_555 .   . .  . .     . . ALA 1  AIB Methylation 'Named protein modification' 
4  AIB B 3  ? .   . .  . AIB B 3  ? 1_555 .   . .  . .     . . ALA 1  AIB Methylation 'Named protein modification' 
5  AIB B 5  ? .   . .  . AIB B 5  ? 1_555 .   . .  . .     . . ALA 1  AIB Methylation 'Named protein modification' 
6  AIB B 9  ? .   . .  . AIB B 9  ? 1_555 .   . .  . .     . . ALA 1  AIB Methylation 'Named protein modification' 
7  ACE A 1  ? LEU A 2  ? ACE A 1  ? 1_555 LEU A 2  ? 1_555 . . LEU 14 ACE None        'Terminal acetylation'       
8  ACE B 1  ? LEU B 2  ? ACE B 1  ? 1_555 LEU B 2  ? 1_555 . . LEU 14 ACE None        'Terminal acetylation'       
9  NH2 A 11 ? LEU A 10 ? NH2 A 11 ? 1_555 LEU A 10 ? 1_555 . . LEU 14 NH2 None        'Terminal amidation'         
10 NH2 B 11 ? LEU B 10 ? NH2 B 11 ? 1_555 LEU B 10 ? 1_555 . . LEU 14 NH2 None        'Terminal amidation'         
# 
_pdbx_entry_details.entry_id                   9EH3 
_pdbx_entry_details.nonpolymer_details         ? 
_pdbx_entry_details.sequence_details           ? 
_pdbx_entry_details.compound_details           ? 
_pdbx_entry_details.source_details             ? 
_pdbx_entry_details.has_ligand_of_interest     N 
_pdbx_entry_details.has_protein_modification   Y 
# 
_pdbx_validate_close_contact.id               1 
_pdbx_validate_close_contact.PDB_model_num    1 
_pdbx_validate_close_contact.auth_atom_id_1   C 
_pdbx_validate_close_contact.auth_asym_id_1   B 
_pdbx_validate_close_contact.auth_comp_id_1   LEU 
_pdbx_validate_close_contact.auth_seq_id_1    10 
_pdbx_validate_close_contact.PDB_ins_code_1   ? 
_pdbx_validate_close_contact.label_alt_id_1   ? 
_pdbx_validate_close_contact.auth_atom_id_2   HN2 
_pdbx_validate_close_contact.auth_asym_id_2   B 
_pdbx_validate_close_contact.auth_comp_id_2   NH2 
_pdbx_validate_close_contact.auth_seq_id_2    11 
_pdbx_validate_close_contact.PDB_ins_code_2   ? 
_pdbx_validate_close_contact.label_alt_id_2   ? 
_pdbx_validate_close_contact.dist             1.52 
# 
loop_
_space_group_symop.id 
_space_group_symop.operation_xyz 
1 x,y,z       
2 -x,y+1/2,-z 
# 
loop_
_pdbx_distant_solvent_atoms.id 
_pdbx_distant_solvent_atoms.PDB_model_num 
_pdbx_distant_solvent_atoms.auth_atom_id 
_pdbx_distant_solvent_atoms.label_alt_id 
_pdbx_distant_solvent_atoms.auth_asym_id 
_pdbx_distant_solvent_atoms.auth_comp_id 
_pdbx_distant_solvent_atoms.auth_seq_id 
_pdbx_distant_solvent_atoms.PDB_ins_code 
_pdbx_distant_solvent_atoms.neighbor_macromolecule_distance 
_pdbx_distant_solvent_atoms.neighbor_ligand_distance 
1 1 O ? B HOH 107 ? 9.24  . 
2 1 O ? B HOH 108 ? 10.14 . 
3 1 O ? B HOH 109 ? 10.15 . 
4 1 O ? B HOH 110 ? 10.21 . 
5 1 O ? B HOH 111 ? 10.72 . 
# 
loop_
_chem_comp_atom.comp_id 
_chem_comp_atom.atom_id 
_chem_comp_atom.type_symbol 
_chem_comp_atom.pdbx_aromatic_flag 
_chem_comp_atom.pdbx_stereo_config 
_chem_comp_atom.pdbx_ordinal 
ACE C    C  N N 1   
ACE O    O  N N 2   
ACE CH3  C  N N 3   
ACE H    H  N N 4   
ACE H1   H  N N 5   
ACE H2   H  N N 6   
ACE H3   H  N N 7   
AIB N    N  N N 8   
AIB CA   C  N N 9   
AIB C    C  N N 10  
AIB O    O  N N 11  
AIB OXT  O  N N 12  
AIB CB1  C  N N 13  
AIB CB2  C  N N 14  
AIB H    H  N N 15  
AIB H2   H  N N 16  
AIB HXT  H  N N 17  
AIB HB11 H  N N 18  
AIB HB12 H  N N 19  
AIB HB13 H  N N 20  
AIB HB21 H  N N 21  
AIB HB22 H  N N 22  
AIB HB23 H  N N 23  
CO  CO   CO N N 24  
GLN N    N  N N 25  
GLN CA   C  N S 26  
GLN C    C  N N 27  
GLN O    O  N N 28  
GLN CB   C  N N 29  
GLN CG   C  N N 30  
GLN CD   C  N N 31  
GLN OE1  O  N N 32  
GLN NE2  N  N N 33  
GLN OXT  O  N N 34  
GLN H    H  N N 35  
GLN H2   H  N N 36  
GLN HA   H  N N 37  
GLN HB2  H  N N 38  
GLN HB3  H  N N 39  
GLN HG2  H  N N 40  
GLN HG3  H  N N 41  
GLN HE21 H  N N 42  
GLN HE22 H  N N 43  
GLN HXT  H  N N 44  
GLU N    N  N N 45  
GLU CA   C  N S 46  
GLU C    C  N N 47  
GLU O    O  N N 48  
GLU CB   C  N N 49  
GLU CG   C  N N 50  
GLU CD   C  N N 51  
GLU OE1  O  N N 52  
GLU OE2  O  N N 53  
GLU OXT  O  N N 54  
GLU H    H  N N 55  
GLU H2   H  N N 56  
GLU HA   H  N N 57  
GLU HB2  H  N N 58  
GLU HB3  H  N N 59  
GLU HG2  H  N N 60  
GLU HG3  H  N N 61  
GLU HE2  H  N N 62  
GLU HXT  H  N N 63  
HIS N    N  N N 64  
HIS CA   C  N S 65  
HIS C    C  N N 66  
HIS O    O  N N 67  
HIS CB   C  N N 68  
HIS CG   C  Y N 69  
HIS ND1  N  Y N 70  
HIS CD2  C  Y N 71  
HIS CE1  C  Y N 72  
HIS NE2  N  Y N 73  
HIS OXT  O  N N 74  
HIS H    H  N N 75  
HIS H2   H  N N 76  
HIS HA   H  N N 77  
HIS HB2  H  N N 78  
HIS HB3  H  N N 79  
HIS HD1  H  N N 80  
HIS HD2  H  N N 81  
HIS HE1  H  N N 82  
HIS HE2  H  N N 83  
HIS HXT  H  N N 84  
HOH O    O  N N 85  
HOH H1   H  N N 86  
HOH H2   H  N N 87  
LEU N    N  N N 88  
LEU CA   C  N S 89  
LEU C    C  N N 90  
LEU O    O  N N 91  
LEU CB   C  N N 92  
LEU CG   C  N N 93  
LEU CD1  C  N N 94  
LEU CD2  C  N N 95  
LEU OXT  O  N N 96  
LEU H    H  N N 97  
LEU H2   H  N N 98  
LEU HA   H  N N 99  
LEU HB2  H  N N 100 
LEU HB3  H  N N 101 
LEU HG   H  N N 102 
LEU HD11 H  N N 103 
LEU HD12 H  N N 104 
LEU HD13 H  N N 105 
LEU HD21 H  N N 106 
LEU HD22 H  N N 107 
LEU HD23 H  N N 108 
LEU HXT  H  N N 109 
NH2 N    N  N N 110 
NH2 HN1  H  N N 111 
NH2 HN2  H  N N 112 
# 
loop_
_chem_comp_bond.comp_id 
_chem_comp_bond.atom_id_1 
_chem_comp_bond.atom_id_2 
_chem_comp_bond.value_order 
_chem_comp_bond.pdbx_aromatic_flag 
_chem_comp_bond.pdbx_stereo_config 
_chem_comp_bond.pdbx_ordinal 
ACE C   O    doub N N 1   
ACE C   CH3  sing N N 2   
ACE C   H    sing N N 3   
ACE CH3 H1   sing N N 4   
ACE CH3 H2   sing N N 5   
ACE CH3 H3   sing N N 6   
AIB N   CA   sing N N 7   
AIB N   H    sing N N 8   
AIB N   H2   sing N N 9   
AIB CA  C    sing N N 10  
AIB CA  CB1  sing N N 11  
AIB CA  CB2  sing N N 12  
AIB C   O    doub N N 13  
AIB C   OXT  sing N N 14  
AIB OXT HXT  sing N N 15  
AIB CB1 HB11 sing N N 16  
AIB CB1 HB12 sing N N 17  
AIB CB1 HB13 sing N N 18  
AIB CB2 HB21 sing N N 19  
AIB CB2 HB22 sing N N 20  
AIB CB2 HB23 sing N N 21  
GLN N   CA   sing N N 22  
GLN N   H    sing N N 23  
GLN N   H2   sing N N 24  
GLN CA  C    sing N N 25  
GLN CA  CB   sing N N 26  
GLN CA  HA   sing N N 27  
GLN C   O    doub N N 28  
GLN C   OXT  sing N N 29  
GLN CB  CG   sing N N 30  
GLN CB  HB2  sing N N 31  
GLN CB  HB3  sing N N 32  
GLN CG  CD   sing N N 33  
GLN CG  HG2  sing N N 34  
GLN CG  HG3  sing N N 35  
GLN CD  OE1  doub N N 36  
GLN CD  NE2  sing N N 37  
GLN NE2 HE21 sing N N 38  
GLN NE2 HE22 sing N N 39  
GLN OXT HXT  sing N N 40  
GLU N   CA   sing N N 41  
GLU N   H    sing N N 42  
GLU N   H2   sing N N 43  
GLU CA  C    sing N N 44  
GLU CA  CB   sing N N 45  
GLU CA  HA   sing N N 46  
GLU C   O    doub N N 47  
GLU C   OXT  sing N N 48  
GLU CB  CG   sing N N 49  
GLU CB  HB2  sing N N 50  
GLU CB  HB3  sing N N 51  
GLU CG  CD   sing N N 52  
GLU CG  HG2  sing N N 53  
GLU CG  HG3  sing N N 54  
GLU CD  OE1  doub N N 55  
GLU CD  OE2  sing N N 56  
GLU OE2 HE2  sing N N 57  
GLU OXT HXT  sing N N 58  
HIS N   CA   sing N N 59  
HIS N   H    sing N N 60  
HIS N   H2   sing N N 61  
HIS CA  C    sing N N 62  
HIS CA  CB   sing N N 63  
HIS CA  HA   sing N N 64  
HIS C   O    doub N N 65  
HIS C   OXT  sing N N 66  
HIS CB  CG   sing N N 67  
HIS CB  HB2  sing N N 68  
HIS CB  HB3  sing N N 69  
HIS CG  ND1  sing Y N 70  
HIS CG  CD2  doub Y N 71  
HIS ND1 CE1  doub Y N 72  
HIS ND1 HD1  sing N N 73  
HIS CD2 NE2  sing Y N 74  
HIS CD2 HD2  sing N N 75  
HIS CE1 NE2  sing Y N 76  
HIS CE1 HE1  sing N N 77  
HIS NE2 HE2  sing N N 78  
HIS OXT HXT  sing N N 79  
HOH O   H1   sing N N 80  
HOH O   H2   sing N N 81  
LEU N   CA   sing N N 82  
LEU N   H    sing N N 83  
LEU N   H2   sing N N 84  
LEU CA  C    sing N N 85  
LEU CA  CB   sing N N 86  
LEU CA  HA   sing N N 87  
LEU C   O    doub N N 88  
LEU C   OXT  sing N N 89  
LEU CB  CG   sing N N 90  
LEU CB  HB2  sing N N 91  
LEU CB  HB3  sing N N 92  
LEU CG  CD1  sing N N 93  
LEU CG  CD2  sing N N 94  
LEU CG  HG   sing N N 95  
LEU CD1 HD11 sing N N 96  
LEU CD1 HD12 sing N N 97  
LEU CD1 HD13 sing N N 98  
LEU CD2 HD21 sing N N 99  
LEU CD2 HD22 sing N N 100 
LEU CD2 HD23 sing N N 101 
LEU OXT HXT  sing N N 102 
NH2 N   HN1  sing N N 103 
NH2 N   HN2  sing N N 104 
# 
loop_
_pdbx_audit_support.funding_organization 
_pdbx_audit_support.country 
_pdbx_audit_support.grant_number 
_pdbx_audit_support.ordinal 
'National Institutes of Health/National Institute of General Medical Sciences (NIH/NIGMS)' 'United States' 1R35GM15479301    1 
'Department of Energy (DOE, United States)'                                                'United States' DE-AC02-06CH11357 2 
# 
_pdbx_initial_refinement_model.id               1 
_pdbx_initial_refinement_model.entity_id_list   ? 
_pdbx_initial_refinement_model.type             'experimental model' 
_pdbx_initial_refinement_model.source_name      PDB 
_pdbx_initial_refinement_model.accession_code   7TLS 
_pdbx_initial_refinement_model.details          ? 
# 
_space_group.name_H-M_alt     'P 1 21 1' 
_space_group.name_Hall        'P 2yb' 
_space_group.IT_number        4 
_space_group.crystal_system   monoclinic 
_space_group.id               1 
# 
_atom_sites.entry_id                    9EH3 
_atom_sites.Cartn_transf_matrix[1][1]   ? 
_atom_sites.Cartn_transf_matrix[1][2]   ? 
_atom_sites.Cartn_transf_matrix[1][3]   ? 
_atom_sites.Cartn_transf_matrix[2][1]   ? 
_atom_sites.Cartn_transf_matrix[2][2]   ? 
_atom_sites.Cartn_transf_matrix[2][3]   ? 
_atom_sites.Cartn_transf_matrix[3][1]   ? 
_atom_sites.Cartn_transf_matrix[3][2]   ? 
_atom_sites.Cartn_transf_matrix[3][3]   ? 
_atom_sites.Cartn_transf_vector[1]      ? 
_atom_sites.Cartn_transf_vector[2]      ? 
_atom_sites.Cartn_transf_vector[3]      ? 
_atom_sites.Cartn_transform_axes        ? 
_atom_sites.fract_transf_matrix[1][1]   0.05937208 
_atom_sites.fract_transf_matrix[1][2]   -0.08345790 
_atom_sites.fract_transf_matrix[1][3]   0.02023132 
_atom_sites.fract_transf_matrix[2][1]   0.01946097 
_atom_sites.fract_transf_matrix[2][2]   0.01227575 
_atom_sites.fract_transf_matrix[2][3]   -0.00647165 
_atom_sites.fract_transf_matrix[3][1]   0.01749844 
_atom_sites.fract_transf_matrix[3][2]   0.00496543 
_atom_sites.fract_transf_matrix[3][3]   0.06203847 
_atom_sites.fract_transf_vector[1]      -0.452399 
_atom_sites.fract_transf_vector[2]      -0.240422 
_atom_sites.fract_transf_vector[3]      -0.423357 
_atom_sites.solution_primary            ? 
_atom_sites.solution_secondary          ? 
_atom_sites.solution_hydrogens          ? 
_atom_sites.special_details             ? 
# 
loop_
_atom_type.symbol 
_atom_type.scat_dispersion_real 
_atom_type.scat_dispersion_imag 
_atom_type.scat_Cromer_Mann_a1 
_atom_type.scat_Cromer_Mann_a2 
_atom_type.scat_Cromer_Mann_a3 
_atom_type.scat_Cromer_Mann_a4 
_atom_type.scat_Cromer_Mann_b1 
_atom_type.scat_Cromer_Mann_b2 
_atom_type.scat_Cromer_Mann_b3 
_atom_type.scat_Cromer_Mann_b4 
_atom_type.scat_Cromer_Mann_c 
_atom_type.scat_source 
_atom_type.scat_dispersion_source 
C  ? ? 2.51340  1.74867 1.72398 ? 31.80534 0.44561  10.58317 ? 0.0 
;3-Gaussian fit: Grosse-Kunstleve RW, Sauter NK, Adams PD: Newsletter of the IUCr Commission on Crystallographic Computing 2004, 3, 22-31.
;
? 
CO ? ? 14.25116 9.13684 3.55259 ? 5.36759  0.30544  48.44770 ? 0.0 
;3-Gaussian fit: Grosse-Kunstleve RW, Sauter NK, Adams PD: Newsletter of the IUCr Commission on Crystallographic Computing 2004, 3, 22-31.
;
? 
H  ? ? 0.53795  0.34799 0.11320 ? 10.08003 29.74760 2.57510  ? 0.0 
;3-Gaussian fit: Grosse-Kunstleve RW, Sauter NK, Adams PD: Newsletter of the IUCr Commission on Crystallographic Computing 2004, 3, 22-31.
;
? 
N  ? ? 2.99955  2.25584 1.72788 ? 23.27268 7.45433  0.31622  ? 0.0 
;3-Gaussian fit: Grosse-Kunstleve RW, Sauter NK, Adams PD: Newsletter of the IUCr Commission on Crystallographic Computing 2004, 3, 22-31.
;
? 
O  ? ? 3.21184  3.04156 1.73156 ? 18.83700 5.90590  0.24126  ? 0.0 
;3-Gaussian fit: Grosse-Kunstleve RW, Sauter NK, Adams PD: Newsletter of the IUCr Commission on Crystallographic Computing 2004, 3, 22-31.
;
? 
# 
loop_
_atom_site.group_PDB 
_atom_site.id 
_atom_site.type_symbol 
_atom_site.label_atom_id 
_atom_site.label_alt_id 
_atom_site.label_comp_id 
_atom_site.label_asym_id 
_atom_site.label_entity_id 
_atom_site.label_seq_id 
_atom_site.pdbx_PDB_ins_code 
_atom_site.Cartn_x 
_atom_site.Cartn_y 
_atom_site.Cartn_z 
_atom_site.occupancy 
_atom_site.B_iso_or_equiv 
_atom_site.pdbx_formal_charge 
_atom_site.auth_seq_id 
_atom_site.auth_comp_id 
_atom_site.auth_asym_id 
_atom_site.auth_atom_id 
_atom_site.pdbx_PDB_model_num 
HETATM 1   C  C    . ACE A 1 1  ? 8.00099   -1.07353 3.48876   1.000 5.45975  ? 1   ACE A C    1 
HETATM 2   O  O    . ACE A 1 1  ? 7.77523   -0.89387 2.24636   1.000 6.23939  ? 1   ACE A O    1 
HETATM 3   C  CH3  . ACE A 1 1  ? 9.39137   -1.32346 3.95769   1.000 6.06087  ? 1   ACE A CH3  1 
HETATM 4   H  H1   . ACE A 1 1  ? 9.87999   -1.85090 3.30657   1.000 7.28156  ? 1   ACE A H1   1 
HETATM 5   H  H2   . ACE A 1 1  ? 9.38467   -1.80537 4.79948   1.000 7.28156  ? 1   ACE A H2   1 
HETATM 6   H  H3   . ACE A 1 1  ? 9.86184   -0.48530 4.08823   1.000 7.28156  ? 1   ACE A H3   1 
ATOM   7   N  N    . LEU A 1 2  ? 6.92946   -1.04318 4.40779   1.000 5.40231  ? 2   LEU A N    1 
ATOM   8   C  CA   . LEU A 1 2  ? 5.58057   -0.89648 3.92954   1.000 5.17708  ? 2   LEU A CA   1 
ATOM   9   C  C    . LEU A 1 2  ? 5.30427   0.46361  3.29518   1.000 4.93542  ? 2   LEU A C    1 
ATOM   10  O  O    . LEU A 1 2  ? 4.61076   0.53124  2.27527   1.000 5.27090  ? 2   LEU A O    1 
ATOM   11  C  CB   . LEU A 1 2  ? 4.60821   -1.15971 5.06954   1.000 5.66222  ? 2   LEU A CB   1 
ATOM   12  C  CG   . LEU A 1 2  ? 4.63466   -2.60795 5.57605   1.000 6.53948  ? 2   LEU A CG   1 
ATOM   13  C  CD1  . LEU A 1 2  ? 3.92713   -2.68593 6.91879   1.000 8.82526  ? 2   LEU A CD1  1 
ATOM   14  C  CD2  . LEU A 1 2  ? 4.00698   -3.55019 4.57786   1.000 8.07016  ? 2   LEU A CD2  1 
ATOM   15  H  H    . LEU A 1 2  ? 6.99056   -1.28123 5.23546   1.000 6.49129  ? 2   LEU A H    1 
ATOM   16  H  HA   . LEU A 1 2  ? 5.43673   -1.54733 3.22486   1.000 6.22101  ? 2   LEU A HA   1 
ATOM   17  H  HB2  . LEU A 1 2  ? 4.83530   -0.58005 5.81338   1.000 6.80318  ? 2   LEU A HB2  1 
ATOM   18  H  HB3  . LEU A 1 2  ? 3.70826   -0.96819 4.76242   1.000 6.80318  ? 2   LEU A HB3  1 
ATOM   19  H  HG   . LEU A 1 2  ? 5.55498   -2.89242 5.68997   1.000 7.85589  ? 2   LEU A HG   1 
ATOM   20  H  HD11 . LEU A 1 2  ? 3.96465   -3.59940 7.24295   1.000 10.59884 ? 2   LEU A HD11 1 
ATOM   21  H  HD12 . LEU A 1 2  ? 4.37237   -2.09410 7.54521   1.000 10.59884 ? 2   LEU A HD12 1 
ATOM   22  H  HD13 . LEU A 1 2  ? 3.00329   -2.41291 6.80528   1.000 10.59884 ? 2   LEU A HD13 1 
ATOM   23  H  HD21 . LEU A 1 2  ? 4.03878   -4.45260 4.93219   1.000 9.69271  ? 2   LEU A HD21 1 
ATOM   24  H  HD22 . LEU A 1 2  ? 3.08570   -3.28532 4.42962   1.000 9.69271  ? 2   LEU A HD22 1 
ATOM   25  H  HD23 . LEU A 1 2  ? 4.50248   -3.50409 3.74525   1.000 9.69271  ? 2   LEU A HD23 1 
HETATM 26  N  N    . AIB A 1 3  ? 5.79945   1.54110  3.89964   1.000 5.16550  ? 3   AIB A N    1 
HETATM 27  C  CA   . AIB A 1 3  ? 5.58300   2.87671  3.37414   1.000 5.24628  ? 3   AIB A CA   1 
HETATM 28  C  C    . AIB A 1 3  ? 5.93191   2.93959  1.88039   1.000 5.43773  ? 3   AIB A C    1 
HETATM 29  O  O    . AIB A 1 3  ? 5.14333   3.32917  1.02048   1.000 5.64506  ? 3   AIB A O    1 
HETATM 30  C  CB1  . AIB A 1 3  ? 4.11012   3.29945  3.54447   1.000 5.62379  ? 3   AIB A CB1  1 
HETATM 31  C  CB2  . AIB A 1 3  ? 6.47312   3.90043  4.09321   1.000 5.93249  ? 3   AIB A CB2  1 
HETATM 32  H  H    . AIB A 1 3  ? 6.03552   1.58447  4.87144   1.000 6.20712  ? 3   AIB A H    1 
HETATM 33  H  HB11 . AIB A 1 3  ? 3.44956   2.59712  2.98247   1.000 6.75706  ? 3   AIB A HB11 1 
HETATM 34  H  HB12 . AIB A 1 3  ? 3.96731   4.33357  3.14994   1.000 6.75706  ? 3   AIB A HB12 1 
HETATM 35  H  HB13 . AIB A 1 3  ? 3.83481   3.27727  4.62576   1.000 6.75706  ? 3   AIB A HB13 1 
HETATM 36  H  HB21 . AIB A 1 3  ? 6.32929   4.90316  3.62255   1.000 7.12751  ? 3   AIB A HB21 1 
HETATM 37  H  HB22 . AIB A 1 3  ? 7.54071   3.58589  3.99830   1.000 7.12751  ? 3   AIB A HB22 1 
HETATM 38  H  HB23 . AIB A 1 3  ? 6.18377   3.94184  5.17128   1.000 7.12751  ? 3   AIB A HB23 1 
ATOM   39  N  N    . GLU A 1 4  ? 7.15399   2.54058  1.55719   1.000 6.09352  ? 4   GLU A N    1 
ATOM   40  C  CA   . GLU A 1 4  ? 7.61642   2.71098  0.19092   1.000 7.14032  ? 4   GLU A CA   1 
ATOM   41  C  C    . GLU A 1 4  ? 6.94130   1.72629  -0.75859  1.000 6.59805  ? 4   GLU A C    1 
ATOM   42  O  O    . GLU A 1 4  ? 6.70634   2.06732  -1.91434  1.000 6.94403  ? 4   GLU A O    1 
ATOM   43  C  CB   . GLU A 1 4  ? 9.13824   2.65085  0.10811   1.000 9.66101  ? 4   GLU A CB   1 
ATOM   44  C  CG   . GLU A 1 4  ? 9.83985   3.91223  0.65145   1.000 11.29676 ? 4   GLU A CG   1 
ATOM   45  C  CD   . GLU A 1 4  ? 9.15879   5.22192  0.24211   1.000 10.89832 ? 4   GLU A CD   1 
ATOM   46  O  OE1  . GLU A 1 4  ? 8.88365   5.38324  -0.96575  1.000 10.54366 ? 4   GLU A OE1  1 
ATOM   47  O  OE2  . GLU A 1 4  ? 8.92349   6.09793  1.10217   1.000 12.18018 ? 4   GLU A OE2  1 
ATOM   48  H  H    . GLU A 1 4  ? 7.71761   2.17869  2.09661   1.000 7.32074  ? 4   GLU A H    1 
ATOM   49  H  HA   . GLU A 1 4  ? 7.36782   3.59672  -0.11658  1.000 8.57690  ? 4   GLU A HA   1 
ATOM   50  H  HB2  . GLU A 1 4  ? 9.44907   1.89236  0.62675   1.000 11.60173 ? 4   GLU A HB2  1 
ATOM   51  H  HB3  . GLU A 1 4  ? 9.39609   2.54546  -0.82103  1.000 11.60173 ? 4   GLU A HB3  1 
ATOM   52  H  HG2  . GLU A 1 4  ? 9.84658   3.87279  1.62063   1.000 13.56462 ? 4   GLU A HG2  1 
ATOM   53  H  HG3  . GLU A 1 4  ? 10.74900  3.93368  0.31397   1.000 13.56462 ? 4   GLU A HG3  1 
HETATM 54  N  N    . AIB A 1 5  ? 6.62082   0.52018  -0.30239  1.000 6.36176  ? 5   AIB A N    1 
HETATM 55  C  CA   . AIB A 1 5  ? 5.82482   -0.40327 -1.10207  1.000 6.41445  ? 5   AIB A CA   1 
HETATM 56  C  C    . AIB A 1 5  ? 4.51421   0.27108  -1.56132  1.000 6.02664  ? 5   AIB A C    1 
HETATM 57  O  O    . AIB A 1 5  ? 4.10105   0.22667  -2.72299  1.000 6.07790  ? 5   AIB A O    1 
HETATM 58  C  CB1  . AIB A 1 5  ? 6.60148   -0.88889 -2.34773  1.000 6.92391  ? 5   AIB A CB1  1 
HETATM 59  C  CB2  . AIB A 1 5  ? 5.41349   -1.63653 -0.27826  1.000 6.21625  ? 5   AIB A CB2  1 
HETATM 60  H  H    . AIB A 1 5  ? 7.13415   0.02506  0.40000   1.000 7.64263  ? 5   AIB A H    1 
HETATM 61  H  HB11 . AIB A 1 5  ? 7.17067   -1.81593 -2.09862  1.000 8.31721  ? 5   AIB A HB11 1 
HETATM 62  H  HB12 . AIB A 1 5  ? 7.31501   -0.09719 -2.67868  1.000 8.31721  ? 5   AIB A HB12 1 
HETATM 63  H  HB13 . AIB A 1 5  ? 5.88589   -1.10819 -3.17558  1.000 8.31721  ? 5   AIB A HB13 1 
HETATM 64  H  HB21 . AIB A 1 5  ? 4.82946   -1.30157 0.61304   1.000 7.46802  ? 5   AIB A HB21 1 
HETATM 65  H  HB22 . AIB A 1 5  ? 6.33305   -2.17799 0.05177   1.000 7.46802  ? 5   AIB A HB22 1 
HETATM 66  H  HB23 . AIB A 1 5  ? 4.78550   -2.30686 -0.91384  1.000 7.46802  ? 5   AIB A HB23 1 
ATOM   67  N  N    . LEU A 1 6  ? 3.85233   0.92287  -0.60799  1.000 5.25814  ? 6   LEU A N    1 
ATOM   68  C  CA   . LEU A 1 6  ? 2.61840   1.63735  -0.90563  1.000 5.12254  ? 6   LEU A CA   1 
ATOM   69  C  C    . LEU A 1 6  ? 2.87721   2.76741  -1.90747  1.000 5.12440  ? 6   LEU A C    1 
ATOM   70  O  O    . LEU A 1 6  ? 2.12202   2.95630  -2.86809  1.000 5.35817  ? 6   LEU A O    1 
ATOM   71  C  CB   . LEU A 1 6  ? 2.00845   2.17535  0.38817   1.000 5.30400  ? 6   LEU A CB   1 
ATOM   72  C  CG   . LEU A 1 6  ? 0.68460   2.93675  0.26082   1.000 5.90106  ? 6   LEU A CG   1 
ATOM   73  C  CD1  . LEU A 1 6  ? -0.42319  2.06942  -0.32255  1.000 6.59584  ? 6   LEU A CD1  1 
ATOM   74  C  CD2  . LEU A 1 6  ? 0.29141   3.46469  1.62680   1.000 6.94620  ? 6   LEU A CD2  1 
ATOM   75  H  H    . LEU A 1 6  ? 4.09790   0.96502  0.21512   1.000 6.31829  ? 6   LEU A H    1 
ATOM   76  H  HA   . LEU A 1 6  ? 1.97275   1.03611  -1.30881  1.000 6.15557  ? 6   LEU A HA   1 
ATOM   77  H  HB2  . LEU A 1 6  ? 1.84792   1.42315  0.97920   1.000 6.37332  ? 6   LEU A HB2  1 
ATOM   78  H  HB3  . LEU A 1 6  ? 2.64820   2.78312  0.79097   1.000 6.37332  ? 6   LEU A HB3  1 
ATOM   79  H  HG   . LEU A 1 6  ? 0.80127   3.67696  -0.35512  1.000 7.08979  ? 6   LEU A HG   1 
ATOM   80  H  HD11 . LEU A 1 6  ? -0.15572  1.76631  -1.20430  1.000 7.92352  ? 6   LEU A HD11 1 
ATOM   81  H  HD12 . LEU A 1 6  ? -0.56715  1.30711  0.25972   1.000 7.92352  ? 6   LEU A HD12 1 
ATOM   82  H  HD13 . LEU A 1 6  ? -1.23576  2.59536  -0.38595  1.000 7.92352  ? 6   LEU A HD13 1 
ATOM   83  H  HD21 . LEU A 1 6  ? -0.54234  3.95416  1.54819   1.000 8.34395  ? 6   LEU A HD21 1 
ATOM   84  H  HD22 . LEU A 1 6  ? 0.17989   2.71678  2.23432   1.000 8.34395  ? 6   LEU A HD22 1 
ATOM   85  H  HD23 . LEU A 1 6  ? 0.99102   4.05300  1.95136   1.000 8.34395  ? 6   LEU A HD23 1 
ATOM   86  N  N    . HIS A 1 7  ? 3.95037   3.52405  -1.68196  1.000 4.98597  ? 7   HIS A N    1 
ATOM   87  C  CA   . HIS A 1 7  ? 4.25722   4.64134  -2.57246  1.000 5.27426  ? 7   HIS A CA   1 
ATOM   88  C  C    . HIS A 1 7  ? 4.49279   4.16411  -3.99803  1.000 5.50519  ? 7   HIS A C    1 
ATOM   89  O  O    . HIS A 1 7  ? 3.99198   4.76229  -4.95780  1.000 6.71845  ? 7   HIS A O    1 
ATOM   90  C  CB   . HIS A 1 7  ? 5.47171   5.41135  -2.06585  1.000 6.09935  ? 7   HIS A CB   1 
ATOM   91  C  CG   . HIS A 1 7  ? 5.25043   6.03200  -0.73430  1.000 5.78692  ? 7   HIS A CG   1 
ATOM   92  N  ND1  . HIS A 1 7  ? 6.17642   6.84689  -0.12521  1.000 8.66558  ? 7   HIS A ND1  1 
ATOM   93  C  CD2  . HIS A 1 7  ? 4.18716   5.97063  0.09753   1.000 5.31494  ? 7   HIS A CD2  1 
ATOM   94  C  CE1  . HIS A 1 7  ? 5.69669   7.24551  1.03771   1.000 8.41663  ? 7   HIS A CE1  1 
ATOM   95  N  NE2  . HIS A 1 7  ? 4.49313   6.72824  1.19704   1.000 6.69461  ? 7   HIS A NE2  1 
ATOM   96  H  H    . HIS A 1 7  ? 4.50546   3.41443  -1.03429  1.000 5.99168  ? 7   HIS A H    1 
ATOM   97  H  HA   . HIS A 1 7  ? 3.49725   5.24413  -2.57331  1.000 6.33763  ? 7   HIS A HA   1 
ATOM   98  H  HB2  . HIS A 1 7  ? 6.22241   4.80163  -1.99097  1.000 7.32774  ? 7   HIS A HB2  1 
ATOM   99  H  HB3  . HIS A 1 7  ? 5.68077   6.11927  -2.69516  1.000 7.32774  ? 7   HIS A HB3  1 
ATOM   100 H  HD2  . HIS A 1 7  ? 3.39701   5.50251  -0.04883  1.000 6.38644  ? 7   HIS A HD2  1 
ATOM   101 H  HE1  . HIS A 1 7  ? 6.13394   7.79881  1.64400   1.000 10.10848 ? 7   HIS A HE1  1 
ATOM   102 H  HE2  . HIS A 1 7  ? 3.98394   6.84733  1.87979   1.000 8.04205  ? 7   HIS A HE2  1 
ATOM   103 N  N    . GLN A 1 8  ? 5.26521   3.10050  -4.16249  1.000 5.83086  ? 8   GLN A N    1 
ATOM   104 C  CA   . GLN A 1 8  ? 5.56002   2.60485  -5.50887  1.000 6.60018  ? 8   GLN A CA   1 
ATOM   105 C  C    . GLN A 1 8  ? 4.30628   2.00426  -6.16117  1.000 6.11598  ? 8   GLN A C    1 
ATOM   106 O  O    . GLN A 1 8  ? 4.04299   2.25112  -7.34622  1.000 6.99249  ? 8   GLN A O    1 
ATOM   107 C  CB   . GLN A 1 8  ? 6.69007   1.57878  -5.47904  1.000 7.25685  ? 8   GLN A CB   1 
ATOM   108 C  CG   . GLN A 1 8  ? 8.05783   2.17147  -5.12721  1.000 9.27487  ? 8   GLN A CG   1 
ATOM   109 C  CD   . GLN A 1 8  ? 8.57834   3.18863  -6.14231  1.000 12.53589 ? 8   GLN A CD   1 
ATOM   110 O  OE1  . GLN A 1 8  ? 8.11863   3.24666  -7.28334  1.000 16.02718 ? 8   GLN A OE1  1 
ATOM   111 N  NE2  . GLN A 1 8  ? 9.54444   4.00396  -5.71691  1.000 13.02450 ? 8   GLN A NE2  1 
ATOM   112 H  H    . GLN A 1 8  ? 5.62722   2.65198  -3.52423  1.000 7.00555  ? 8   GLN A H    1 
ATOM   113 H  HA   . GLN A 1 8  ? 5.85630   3.34783  -6.05760  1.000 7.92873  ? 8   GLN A HA   1 
ATOM   114 H  HB2  . GLN A 1 8  ? 6.48047   0.90429  -4.81417  1.000 8.71673  ? 8   GLN A HB2  1 
ATOM   115 H  HB3  . GLN A 1 8  ? 6.76201   1.16953  -6.35554  1.000 8.71673  ? 8   GLN A HB3  1 
ATOM   116 H  HG2  . GLN A 1 8  ? 7.99093   2.61978  -4.26964  1.000 11.13836 ? 8   GLN A HG2  1 
ATOM   117 H  HG3  . GLN A 1 8  ? 8.70478   1.45061  -5.07515  1.000 11.13836 ? 8   GLN A HG3  1 
ATOM   118 H  HE21 . GLN A 1 8  ? 9.83874   3.93847  -4.91149  1.000 15.63792 ? 8   GLN A HE21 1 
ATOM   119 H  HE22 . GLN A 1 8  ? 9.87305   4.59516  -6.24805  1.000 15.63792 ? 8   GLN A HE22 1 
HETATM 120 N  N    . AIB A 1 9  ? 3.54562   1.21291  -5.41235  1.000 5.82155  ? 9   AIB A N    1 
HETATM 121 C  CA   . AIB A 1 9  ? 2.33051   0.60468  -5.91396  1.000 6.11408  ? 9   AIB A CA   1 
HETATM 122 C  C    . AIB A 1 9  ? 1.38216   1.64839  -6.49689  1.000 6.05133  ? 9   AIB A C    1 
HETATM 123 O  O    . AIB A 1 9  ? 0.71033   1.44690  -7.50622  1.000 6.18210  ? 9   AIB A O    1 
HETATM 124 C  CB1  . AIB A 1 9  ? 2.64369   -0.44945 -6.99304  1.000 6.64510  ? 9   AIB A CB1  1 
HETATM 125 C  CB2  . AIB A 1 9  ? 1.55668   -0.05145 -4.76519  1.000 6.91156  ? 9   AIB A CB2  1 
HETATM 126 H  H    . AIB A 1 9  ? 3.87945   0.70130  -4.61939  1.000 6.99438  ? 9   AIB A H    1 
HETATM 127 H  HB11 . AIB A 1 9  ? 1.69151   -0.85813 -7.40752  1.000 7.98264  ? 9   AIB A HB11 1 
HETATM 128 H  HB12 . AIB A 1 9  ? 3.23684   -1.28189 -6.54509  1.000 7.98264  ? 9   AIB A HB12 1 
HETATM 129 H  HB13 . AIB A 1 9  ? 3.23223   0.01915  -7.81735  1.000 7.98264  ? 9   AIB A HB13 1 
HETATM 130 H  HB21 . AIB A 1 9  ? 1.33248   0.71990  -3.98901  1.000 8.30239  ? 9   AIB A HB21 1 
HETATM 131 H  HB22 . AIB A 1 9  ? 2.18098   -0.86520 -4.32277  1.000 8.30239  ? 9   AIB A HB22 1 
HETATM 132 H  HB23 . AIB A 1 9  ? 0.60407   -0.47748 -5.16357  1.000 8.30239  ? 9   AIB A HB23 1 
ATOM   133 N  N    . LEU A 1 10 ? 1.33008   2.79494  -5.82595  1.000 6.20593  ? 10  LEU A N    1 
ATOM   134 C  CA   . LEU A 1 10 ? 0.37295   3.82313  -6.19581  1.000 7.17590  ? 10  LEU A CA   1 
ATOM   135 C  C    . LEU A 1 10 ? 0.84950   4.67662  -7.35186  1.000 8.09639  ? 10  LEU A C    1 
ATOM   136 O  O    . LEU A 1 10 ? 0.03783   5.32159  -8.00070  1.000 8.57145  ? 10  LEU A O    1 
ATOM   137 C  CB   . LEU A 1 10 ? 0.04381   4.70305  -4.99687  1.000 7.28655  ? 10  LEU A CB   1 
ATOM   138 C  CG   . LEU A 1 10 ? -0.81749  3.98577  -3.96241  1.000 9.37621  ? 10  LEU A CG   1 
ATOM   139 C  CD1  . LEU A 1 10 ? -1.03042  4.90518  -2.76503  1.000 9.11409  ? 10  LEU A CD1  1 
ATOM   140 C  CD2  . LEU A 1 10 ? -2.14219  3.50241  -4.53909  1.000 10.81950 ? 10  LEU A CD2  1 
ATOM   141 H  H    . LEU A 1 10 ? 1.83488   2.99658  -5.15952  1.000 7.45563  ? 10  LEU A H    1 
ATOM   142 H  HA   . LEU A 1 10 ? -0.43921  3.38087  -6.48856  1.000 8.61960  ? 10  LEU A HA   1 
ATOM   143 H  HB2  . LEU A 1 10 ? 0.87038   4.97250  -4.56667  1.000 8.75238  ? 10  LEU A HB2  1 
ATOM   144 H  HB3  . LEU A 1 10 ? -0.44116  5.48532  -5.30307  1.000 8.75238  ? 10  LEU A HB3  1 
ATOM   145 H  HG   . LEU A 1 10 ? -0.35556  3.18472  -3.66942  1.000 11.25997 ? 10  LEU A HG   1 
ATOM   146 H  HD11 . LEU A 1 10 ? -1.58722  4.45115  -2.11331  1.000 10.94542 ? 10  LEU A HD11 1 
ATOM   147 H  HD12 . LEU A 1 10 ? -0.16900  5.11798  -2.37314  1.000 10.94542 ? 10  LEU A HD12 1 
ATOM   148 H  HD13 . LEU A 1 10 ? -1.46737  5.71775  -3.06455  1.000 10.94542 ? 10  LEU A HD13 1 
ATOM   149 H  HD21 . LEU A 1 10 ? -2.73831  3.27069  -3.80981  1.000 12.99192 ? 10  LEU A HD21 1 
ATOM   150 H  HD22 . LEU A 1 10 ? -2.53236  4.21255  -5.07235  1.000 12.99192 ? 10  LEU A HD22 1 
ATOM   151 H  HD23 . LEU A 1 10 ? -1.97967  2.72339  -5.09373  1.000 12.99192 ? 10  LEU A HD23 1 
HETATM 152 N  N    . NH2 A 1 11 ? 2.24915   4.68836  -7.63458  1.000 11.06028 ? 11  NH2 A N    1 
HETATM 153 H  HN1  . NH2 A 1 11 ? 2.14575   5.51526  -7.94812  1.000 13.28085 ? 11  NH2 A HN1  1 
HETATM 154 H  HN2  . NH2 A 1 11 ? 2.05813   4.14692  -8.31132  1.000 13.28085 ? 11  NH2 A HN2  1 
HETATM 155 C  C    . ACE B 1 1  ? -3.70183  1.64085  7.52999   1.000 8.18697  ? 1   ACE B C    1 
HETATM 156 O  O    . ACE B 1 1  ? -4.22779  1.29908  6.41400   1.000 10.03444 ? 1   ACE B O    1 
HETATM 157 C  CH3  . ACE B 1 1  ? -4.65088  2.10362  8.60019   1.000 8.24087  ? 1   ACE B CH3  1 
HETATM 158 H  H1   . ACE B 1 1  ? -5.40464  2.57081  8.20717   1.000 9.89756  ? 1   ACE B H1   1 
HETATM 159 H  H2   . ACE B 1 1  ? -4.20303  2.70649  9.21409   1.000 9.89756  ? 1   ACE B H2   1 
HETATM 160 H  H3   . ACE B 1 1  ? -4.98861  1.34739  9.10512   1.000 9.89756  ? 1   ACE B H3   1 
ATOM   161 N  N    . LEU B 1 2  ? -2.31084  1.52612  7.78919   1.000 7.47210  ? 2   LEU B N    1 
ATOM   162 C  CA   . LEU B 1 2  ? -1.39056  1.21680  6.72022   1.000 7.49900  ? 2   LEU B CA   1 
ATOM   163 C  C    . LEU B 1 2  ? -1.59737  -0.17774 6.12760   1.000 7.96232  ? 2   LEU B C    1 
ATOM   164 O  O    . LEU B 1 2  ? -1.67852  -0.32220 4.90595   1.000 7.70304  ? 2   LEU B O    1 
ATOM   165 C  CB   . LEU B 1 2  ? 0.01734   1.36362  7.27297   1.000 7.57526  ? 2   LEU B CB   1 
ATOM   166 C  CG   . LEU B 1 2  ? 1.16335   0.96439  6.35623   1.000 7.82023  ? 2   LEU B CG   1 
ATOM   167 C  CD1  . LEU B 1 2  ? 1.09470   1.68814  5.01761   1.000 8.50892  ? 2   LEU B CD1  1 
ATOM   168 C  CD2  . LEU B 1 2  ? 2.48035   1.22293  7.05342   1.000 9.16502  ? 2   LEU B CD2  1 
ATOM   169 H  H    . LEU B 1 2  ? -1.98752  2.04630  8.39305   1.000 8.97504  ? 2   LEU B H    1 
ATOM   170 H  HA   . LEU B 1 2  ? -1.53156  1.82719  5.97964   1.000 9.00732  ? 2   LEU B HA   1 
ATOM   171 H  HB2  . LEU B 1 2  ? 0.15158   2.29603  7.50425   1.000 9.09883  ? 2   LEU B HB2  1 
ATOM   172 H  HB3  . LEU B 1 2  ? 0.08517   0.81159  8.06768   1.000 9.09883  ? 2   LEU B HB3  1 
ATOM   173 H  HG   . LEU B 1 2  ? 1.09627   0.01732  6.15760   1.000 9.39279  ? 2   LEU B HG   1 
ATOM   174 H  HD11 . LEU B 1 2  ? 0.30663   1.38963  4.53725   1.000 10.21922 ? 2   LEU B HD11 1 
ATOM   175 H  HD12 . LEU B 1 2  ? 1.04256   2.64347  5.17742   1.000 10.21922 ? 2   LEU B HD12 1 
ATOM   176 H  HD13 . LEU B 1 2  ? 1.89221   1.48147  4.50559   1.000 10.21922 ? 2   LEU B HD13 1 
ATOM   177 H  HD21 . LEU B 1 2  ? 3.20626   0.99881  6.45032   1.000 11.00655 ? 2   LEU B HD21 1 
ATOM   178 H  HD22 . LEU B 1 2  ? 2.53008   2.16058  7.29684   1.000 11.00655 ? 2   LEU B HD22 1 
ATOM   179 H  HD23 . LEU B 1 2  ? 2.52969   0.67137  7.84981   1.000 11.00655 ? 2   LEU B HD23 1 
HETATM 180 N  N    . AIB B 1 3  ? -1.64464  -1.20150 6.97456   1.000 8.24154  ? 3   AIB B N    1 
HETATM 181 C  CA   . AIB B 1 3  ? -1.81471  -2.55767 6.50435   1.000 8.83471  ? 3   AIB B CA   1 
HETATM 182 C  C    . AIB B 1 3  ? -3.01645  -2.66812 5.56116   1.000 8.56662  ? 3   AIB B C    1 
HETATM 183 O  O    . AIB B 1 3  ? -3.01176  -3.26997 4.48775   1.000 9.38256  ? 3   AIB B O    1 
HETATM 184 C  CB1  . AIB B 1 3  ? -0.54093  -3.03042 5.77544   1.000 9.26409  ? 3   AIB B CB1  1 
HETATM 185 C  CB2  . AIB B 1 3  ? -2.10909  -3.50104 7.68322   1.000 9.09872  ? 3   AIB B CB2  1 
HETATM 186 H  H    . AIB B 1 3  ? -1.24634  -1.19566 7.89289   1.000 9.89836  ? 3   AIB B H    1 
HETATM 187 H  HB11 . AIB B 1 3  ? -0.36833  -2.39913 4.87149   1.000 11.12543 ? 3   AIB B HB11 1 
HETATM 188 H  HB12 . AIB B 1 3  ? -0.65932  -4.09524 5.46302   1.000 11.12543 ? 3   AIB B HB12 1 
HETATM 189 H  HB13 . AIB B 1 3  ? 0.33766   -2.94311 6.45801   1.000 11.12543 ? 3   AIB B HB13 1 
HETATM 190 H  HB21 . AIB B 1 3  ? -1.18356  -3.61661 8.29783   1.000 10.92698 ? 3   AIB B HB21 1 
HETATM 191 H  HB22 . AIB B 1 3  ? -2.42683  -4.49491 7.28452   1.000 10.92698 ? 3   AIB B HB22 1 
HETATM 192 H  HB23 . AIB B 1 3  ? -2.92627  -3.06270 8.30591   1.000 10.92698 ? 3   AIB B HB23 1 
ATOM   193 N  N    . GLU B 1 4  ? -4.08791  -2.02574 6.00538   1.000 9.22264  ? 4   GLU B N    1 
ATOM   194 C  CA   . GLU B 1 4  ? -5.37849  -2.10690 5.35427   1.000 9.85484  ? 4   GLU B CA   1 
ATOM   195 C  C    . GLU B 1 4  ? -5.39123  -1.30656 4.04221   1.000 9.05841  ? 4   GLU B C    1 
ATOM   196 O  O    . GLU B 1 4  ? -5.89834  -1.77417 3.01633   1.000 9.55090  ? 4   GLU B O    1 
ATOM   197 C  CB   . GLU B 1 4  ? -6.46107  -1.57790 6.30893   1.000 12.03924 ? 4   GLU B CB   1 
ATOM   198 C  CG   . GLU B 1 4  ? -6.72645  -2.36503 7.63086   1.000 13.54343 ? 4   GLU B CG   1 
ATOM   199 C  CD   . GLU B 1 4  ? -5.54705  -2.47370 8.64041   1.000 14.05063 ? 4   GLU B CD   1 
ATOM   200 O  OE1  . GLU B 1 4  ? -4.70960  -1.54146 8.71962   1.000 13.02085 ? 4   GLU B OE1  1 
ATOM   201 O  OE2  . GLU B 1 4  ? -5.52134  -3.44866 9.44262   1.000 16.51880 ? 4   GLU B OE2  1 
ATOM   202 H  H    . GLU B 1 4  ? -4.08980  -1.52253 6.70279   1.000 11.07568 ? 4   GLU B H    1 
ATOM   203 H  HA   . GLU B 1 4  ? -5.57657  -3.03034 5.13307   1.000 11.83432 ? 4   GLU B HA   1 
ATOM   204 H  HB2  . GLU B 1 4  ? -6.21067  -0.67736 6.56817   1.000 14.45560 ? 4   GLU B HB2  1 
ATOM   205 H  HB3  . GLU B 1 4  ? -7.30028  -1.56194 5.82272   1.000 14.45560 ? 4   GLU B HB3  1 
ATOM   206 H  HG2  . GLU B 1 4  ? -7.45661  -1.92893 8.09732   1.000 16.26063 ? 4   GLU B HG2  1 
ATOM   207 H  HG3  . GLU B 1 4  ? -6.97830  -3.27133 7.39403   1.000 16.26063 ? 4   GLU B HG3  1 
HETATM 208 N  N    . AIB B 1 5  ? -4.85174  -0.09056 4.09210   1.000 8.89990  ? 5   AIB B N    1 
HETATM 209 C  CA   . AIB B 1 5  ? -4.68954  0.74806  2.92056   1.000 8.76909  ? 5   AIB B CA   1 
HETATM 210 C  C    . AIB B 1 5  ? -3.94026  0.01388  1.79685   1.000 7.86577  ? 5   AIB B C    1 
HETATM 211 O  O    . AIB B 1 5  ? -4.27360  0.00184  0.61763   1.000 7.67893  ? 5   AIB B O    1 
HETATM 212 C  CB1  . AIB B 1 5  ? -6.04553  1.23645  2.37277   1.000 9.45163  ? 5   AIB B CB1  1 
HETATM 213 C  CB2  . AIB B 1 5  ? -3.83258  1.97427  3.26223   1.000 9.29760  ? 5   AIB B CB2  1 
HETATM 214 H  H    . AIB B 1 5  ? -4.83635  0.47904  4.91510   1.000 10.68840 ? 5   AIB B H    1 
HETATM 215 H  HB11 . AIB B 1 5  ? -6.71630  0.36250  2.19461   1.000 11.35047 ? 5   AIB B HB11 1 
HETATM 216 H  HB12 . AIB B 1 5  ? -5.88889  1.78156  1.41164   1.000 11.35047 ? 5   AIB B HB12 1 
HETATM 217 H  HB13 . AIB B 1 5  ? -6.52444  1.92295  3.11090   1.000 11.35047 ? 5   AIB B HB13 1 
HETATM 218 H  HB21 . AIB B 1 5  ? -4.35847  2.58214  4.03789   1.000 11.16564 ? 5   AIB B HB21 1 
HETATM 219 H  HB22 . AIB B 1 5  ? -3.68364  2.58410  2.33832   1.000 11.16564 ? 5   AIB B HB22 1 
HETATM 220 H  HB23 . AIB B 1 5  ? -2.84451  1.63103  3.65415   1.000 11.16564 ? 5   AIB B HB23 1 
ATOM   221 N  N    . LEU B 1 6  ? -2.86965  -0.64964 2.21564   1.000 7.70704  ? 6   LEU B N    1 
ATOM   222 C  CA   . LEU B 1 6  ? -2.01832  -1.39814 1.29363   1.000 7.21584  ? 6   LEU B CA   1 
ATOM   223 C  C    . LEU B 1 6  ? -2.76086  -2.59671 0.71952   1.000 7.55364  ? 6   LEU B C    1 
ATOM   224 O  O    . LEU B 1 6  ? -2.61853  -2.88728 -0.46517  1.000 7.36497  ? 6   LEU B O    1 
ATOM   225 C  CB   . LEU B 1 6  ? -0.72239  -1.85241 1.98106   1.000 7.64027  ? 6   LEU B CB   1 
ATOM   226 C  CG   . LEU B 1 6  ? 0.36723   -2.45946 1.08049   1.000 7.29654  ? 6   LEU B CG   1 
ATOM   227 C  CD1  . LEU B 1 6  ? 0.72622   -1.58157 -0.10318  1.000 7.10225  ? 6   LEU B CD1  1 
ATOM   228 C  CD2  . LEU B 1 6  ? 1.60571   -2.76019 1.90654   1.000 8.54827  ? 6   LEU B CD2  1 
ATOM   229 H  H    . LEU B 1 6  ? -2.61096  -0.68354 3.03511   1.000 9.25697  ? 6   LEU B H    1 
ATOM   230 H  HA   . LEU B 1 6  ? -1.76851  -0.81640 0.55873   1.000 8.66753  ? 6   LEU B HA   1 
ATOM   231 H  HB2  . LEU B 1 6  ? -0.33035  -1.08100 2.41941   1.000 9.17684  ? 6   LEU B HB2  1 
ATOM   232 H  HB3  . LEU B 1 6  ? -0.95364  -2.52617 2.63943   1.000 9.17684  ? 6   LEU B HB3  1 
ATOM   233 H  HG   . LEU B 1 6  ? 0.01235   -3.28106 0.70641   1.000 8.76436  ? 6   LEU B HG   1 
ATOM   234 H  HD11 . LEU B 1 6  ? 1.41678   -2.02059 -0.62404  1.000 8.53122  ? 6   LEU B HD11 1 
ATOM   235 H  HD12 . LEU B 1 6  ? -0.06473  -1.44782 -0.64854  1.000 8.53122  ? 6   LEU B HD12 1 
ATOM   236 H  HD13 . LEU B 1 6  ? 1.05083   -0.72794 0.22369   1.000 8.53122  ? 6   LEU B HD13 1 
ATOM   237 H  HD21 . LEU B 1 6  ? 2.28022   -3.15513 1.33211   1.000 10.26644 ? 6   LEU B HD21 1 
ATOM   238 H  HD22 . LEU B 1 6  ? 1.93927   -1.93315 2.28817   1.000 10.26644 ? 6   LEU B HD22 1 
ATOM   239 H  HD23 . LEU B 1 6  ? 1.37020   -3.37990 2.61463   1.000 10.26644 ? 6   LEU B HD23 1 
ATOM   240 N  N    . HIS B 1 7  ? -3.56402  -3.28425 1.53173   1.000 8.40162  ? 7   HIS B N    1 
ATOM   241 C  CA   . HIS B 1 7  ? -4.37168  -4.35404 0.96950   1.000 9.03809  ? 7   HIS B CA   1 
ATOM   242 C  C    . HIS B 1 7  ? -5.23701  -3.83169 -0.17919  1.000 8.09666  ? 7   HIS B C    1 
ATOM   243 O  O    . HIS B 1 7  ? -5.29670  -4.43596 -1.26132  1.000 8.64831  ? 7   HIS B O    1 
ATOM   244 C  CB   . HIS B 1 7  ? -5.24416  -5.03821 2.01369   1.000 9.91105  ? 7   HIS B CB   1 
ATOM   245 C  CG   . HIS B 1 7  ? -6.08532  -6.08248 1.37444   1.000 10.16340 ? 7   HIS B CG   1 
ATOM   246 N  ND1  . HIS B 1 7  ? -5.67103  -7.38959 1.25596   1.000 10.96192 ? 7   HIS B ND1  1 
ATOM   247 C  CD2  . HIS B 1 7  ? -7.20490  -5.97130 0.62425   1.000 10.46633 ? 7   HIS B CD2  1 
ATOM   248 C  CE1  . HIS B 1 7  ? -6.54780  -8.05983 0.53078   1.000 11.54702 ? 7   HIS B CE1  1 
ATOM   249 N  NE2  . HIS B 1 7  ? -7.47895  -7.21765 0.11988   1.000 10.87924 ? 7   HIS B NE2  1 
ATOM   250 H  H    . HIS B 1 7  ? -3.65338  -3.15360 2.37704   1.000 10.09046 ? 7   HIS B H    1 
ATOM   251 H  HA   . HIS B 1 7  ? -3.75963  -5.02883 0.63640   1.000 10.85423 ? 7   HIS B HA   1 
ATOM   252 H  HB2  . HIS B 1 7  ? -4.68181  -5.45844 2.68308   1.000 11.90178 ? 7   HIS B HB2  1 
ATOM   253 H  HB3  . HIS B 1 7  ? -5.82517  -4.38370 2.43194   1.000 11.90178 ? 7   HIS B HB3  1 
ATOM   254 H  HD1  . HIS B 1 7  ? -4.95441  -7.71796 1.59984   1.000 13.16282 ? 7   HIS B HD1  1 
ATOM   255 H  HD2  . HIS B 1 7  ? -7.69677  -5.19575 0.47766   1.000 12.56812 ? 7   HIS B HD2  1 
ATOM   256 H  HE1  . HIS B 1 7  ? -6.51528  -8.96980 0.34154   1.000 13.86494 ? 7   HIS B HE1  1 
ATOM   257 N  N    A GLN B 1 8  ? -5.92138  -2.70488 0.03986   0.740 8.24085  ? 8   GLN B N    1 
ATOM   258 N  N    B GLN B 1 8  ? -5.89477  -2.70405 0.03752   0.260 8.56196  ? 8   GLN B N    1 
ATOM   259 C  CA   A GLN B 1 8  ? -6.76387  -2.08297 -0.98928  0.740 7.77083  ? 8   GLN B CA   1 
ATOM   260 C  CA   B GLN B 1 8  ? -6.74531  -2.09599 -0.96540  0.260 8.85827  ? 8   GLN B CA   1 
ATOM   261 C  C    A GLN B 1 8  ? -5.93513  -1.77242 -2.23085  0.740 6.89258  ? 8   GLN B C    1 
ATOM   262 C  C    B GLN B 1 8  ? -5.94570  -1.75899 -2.22028  0.260 7.73013  ? 8   GLN B C    1 
ATOM   263 O  O    A GLN B 1 8  ? -6.32480  -2.11068 -3.35119  0.740 7.53989  ? 8   GLN B O    1 
ATOM   264 O  O    B GLN B 1 8  ? -6.36539  -2.06841 -3.33754  0.260 8.01681  ? 8   GLN B O    1 
ATOM   265 C  CB   A GLN B 1 8  ? -7.42763  -0.80092 -0.45407  0.740 7.78804  ? 8   GLN B CB   1 
ATOM   266 C  CB   B GLN B 1 8  ? -7.35796  -0.83746 -0.37184  0.260 10.09096 ? 8   GLN B CB   1 
ATOM   267 C  CG   A GLN B 1 8  ? -8.09574  0.12512  -1.51509  0.740 7.43539  ? 8   GLN B CG   1 
ATOM   268 C  CG   B GLN B 1 8  ? -8.09858  0.03878  -1.33828  0.260 11.19178 ? 8   GLN B CG   1 
ATOM   269 C  CD   A GLN B 1 8  ? -9.39013  -0.41743 -2.12530  0.740 6.95632  ? 8   GLN B CD   1 
ATOM   270 C  CD   B GLN B 1 8  ? -8.86849  1.10221  -0.60209  0.260 11.74842 ? 8   GLN B CD   1 
ATOM   271 O  OE1  A GLN B 1 8  ? -10.14470 -1.14474 -1.47924  0.740 7.56043  ? 8   GLN B OE1  1 
ATOM   272 O  OE1  B GLN B 1 8  ? -8.46574  1.52370  0.48097   0.260 11.64422 ? 8   GLN B OE1  1 
ATOM   273 N  NE2  A GLN B 1 8  ? -9.66677  -0.02744 -3.36938  0.740 7.51051  ? 8   GLN B NE2  1 
ATOM   274 N  NE2  B GLN B 1 8  ? -9.98219  1.53821  -1.17297  0.260 11.89762 ? 8   GLN B NE2  1 
ATOM   275 H  H    A GLN B 1 8  ? -5.91500  -2.27521 0.78481   0.740 9.89753  ? 8   GLN B H    1 
ATOM   276 H  H    B GLN B 1 8  ? -5.86319  -2.26274 0.77498   0.260 10.28287 ? 8   GLN B H    1 
ATOM   277 H  HA   A GLN B 1 8  ? -7.47460  -2.69491 -1.23686  0.740 9.33351  ? 8   GLN B HA   1 
ATOM   278 H  HA   B GLN B 1 8  ? -7.45384  -2.70344 -1.22978  0.260 10.63844 ? 8   GLN B HA   1 
ATOM   279 H  HB2  A GLN B 1 8  ? -8.11921  -1.05905 0.17521   0.740 9.35416  ? 8   GLN B HB2  1 
ATOM   280 H  HB2  B GLN B 1 8  ? -7.98614  -1.10065 0.31882   0.260 12.11767 ? 8   GLN B HB2  1 
ATOM   281 H  HB3  A GLN B 1 8  ? -6.74860  -0.27487 -0.00342  0.740 9.35416  ? 8   GLN B HB3  1 
ATOM   282 H  HB3  B GLN B 1 8  ? -6.64537  -0.30403 0.01361   0.260 12.11767 ? 8   GLN B HB3  1 
ATOM   283 H  HG2  A GLN B 1 8  ? -8.30670  0.97294  -1.09367  0.740 8.93099  ? 8   GLN B HG2  1 
ATOM   284 H  HG2  B GLN B 1 8  ? -7.46715  0.47074  -1.93460  0.260 13.43865 ? 8   GLN B HG2  1 
ATOM   285 H  HG3  A GLN B 1 8  ? -7.46793  0.26287  -2.24157  0.740 8.93099  ? 8   GLN B HG3  1 
ATOM   286 H  HG3  B GLN B 1 8  ? -8.72404  -0.49799 -1.84972  0.260 13.43865 ? 8   GLN B HG3  1 
ATOM   287 H  HE21 A GLN B 1 8  ? -9.12961  0.50105  -3.78382  0.740 9.02113  ? 8   GLN B HE21 1 
ATOM   288 H  HE21 B GLN B 1 8  ? -10.23336 1.21395  -1.92885  0.260 14.28566 ? 8   GLN B HE21 1 
ATOM   289 H  HE22 A GLN B 1 8  ? -10.38243 -0.30427 -3.75769  0.740 9.02113  ? 8   GLN B HE22 1 
ATOM   290 H  HE22 B GLN B 1 8  ? -10.45373 2.14541  -0.78753  0.260 14.28566 ? 8   GLN B HE22 1 
HETATM 291 N  N    . AIB B 1 9  ? -4.78076  -1.14925 -2.03113  1.000 6.65377  ? 9   AIB B N    1 
HETATM 292 C  CA   . AIB B 1 9  ? -3.93641  -0.74191 -3.13154  1.000 6.13976  ? 9   AIB B CA   1 
HETATM 293 C  C    . AIB B 1 9  ? -3.50440  -1.94967 -3.98588  1.000 6.03187  ? 9   AIB B C    1 
HETATM 294 O  O    . AIB B 1 9  ? -3.37978  -1.87442 -5.21561  1.000 6.61617  ? 9   AIB B O    1 
HETATM 295 C  CB1  . AIB B 1 9  ? -4.62517  0.29771  -4.03430  1.000 6.86564  ? 9   AIB B CB1  1 
HETATM 296 C  CB2  . AIB B 1 9  ? -2.63776  -0.14337 -2.56977  1.000 6.51039  ? 9   AIB B CB2  1 
HETATM 297 H  H    . AIB B 1 9  ? -4.24510  -1.21097 -1.18778  1.000 7.99304  ? 9   AIB B H    1 
HETATM 298 H  HB11 . AIB B 1 9  ? -3.88558  0.71757  -4.75692  1.000 8.24728  ? 9   AIB B HB11 1 
HETATM 299 H  HB12 . AIB B 1 9  ? -5.03814  1.12458  -3.40885  1.000 8.24728  ? 9   AIB B HB12 1 
HETATM 300 H  HB13 . AIB B 1 9  ? -5.45693  -0.18652 -4.59923  1.000 8.24728  ? 9   AIB B HB13 1 
HETATM 301 H  HB21 . AIB B 1 9  ? -1.99772  0.20049  -3.41817  1.000 7.82099  ? 9   AIB B HB21 1 
HETATM 302 H  HB22 . AIB B 1 9  ? -2.10016  -0.92589 -1.98127  1.000 7.82099  ? 9   AIB B HB22 1 
HETATM 303 H  HB23 . AIB B 1 9  ? -2.89043  0.72160  -1.90972  1.000 7.82099  ? 9   AIB B HB23 1 
ATOM   304 N  N    . LEU B 1 10 ? -3.26042  -3.07659 -3.31244  1.000 6.23144  ? 10  LEU B N    1 
ATOM   305 C  CA   . LEU B 1 10 ? -2.63501  -4.22652 -3.97212  1.000 6.59555  ? 10  LEU B CA   1 
ATOM   306 C  C    . LEU B 1 10 ? -3.62519  -5.20783 -4.57508  1.000 7.46519  ? 10  LEU B C    1 
ATOM   307 O  O    . LEU B 1 10 ? -3.23329  -6.12418 -5.30353  1.000 8.14201  ? 10  LEU B O    1 
ATOM   308 C  CB   . LEU B 1 10 ? -1.69193  -4.96119 -3.01899  1.000 6.74067  ? 10  LEU B CB   1 
ATOM   309 C  CG   . LEU B 1 10 ? -0.46060  -4.15730 -2.58589  1.000 7.62661  ? 10  LEU B CG   1 
ATOM   310 C  CD1  . LEU B 1 10 ? 0.50281   -5.03874 -1.81072  1.000 7.88962  ? 10  LEU B CD1  1 
ATOM   311 C  CD2  . LEU B 1 10 ? 0.25134   -3.51297 -3.76651  1.000 9.71894  ? 10  LEU B CD2  1 
ATOM   312 H  H    . LEU B 1 10 ? -3.44559  -3.19926 -2.48162  1.000 7.48625  ? 10  LEU B H    1 
ATOM   313 H  HA   . LEU B 1 10 ? -2.12019  -3.87031 -4.71305  1.000 7.92318  ? 10  LEU B HA   1 
ATOM   314 H  HB2  . LEU B 1 10 ? -2.18580  -5.19404 -2.21725  1.000 8.09732  ? 10  LEU B HB2  1 
ATOM   315 H  HB3  . LEU B 1 10 ? -1.37580  -5.76561 -3.45927  1.000 8.09732  ? 10  LEU B HB3  1 
ATOM   316 H  HG   . LEU B 1 10 ? -0.76488  -3.43876 -2.00970  1.000 9.16045  ? 10  LEU B HG   1 
ATOM   317 H  HD11 . LEU B 1 10 ? 1.26449   -4.50613 -1.53308  1.000 9.47606  ? 10  LEU B HD11 1 
ATOM   318 H  HD12 . LEU B 1 10 ? 0.04749   -5.39583 -1.03222  1.000 9.47606  ? 10  LEU B HD12 1 
ATOM   319 H  HD13 . LEU B 1 10 ? 0.79753   -5.76418 -2.38324  1.000 9.47606  ? 10  LEU B HD13 1 
ATOM   320 H  HD21 . LEU B 1 10 ? 1.08276   -3.12010 -3.45780  1.000 11.67125 ? 10  LEU B HD21 1 
ATOM   321 H  HD22 . LEU B 1 10 ? 0.43439   -4.19249 -4.43407  1.000 11.67125 ? 10  LEU B HD22 1 
ATOM   322 H  HD23 . LEU B 1 10 ? -0.31991  -2.82515 -4.14266  1.000 11.67125 ? 10  LEU B HD23 1 
HETATM 323 N  N    . NH2 B 1 11 ? -5.01844  -4.97812 -4.37292  1.000 8.49472  ? 11  NH2 B N    1 
HETATM 324 H  HN1  . NH2 B 1 11 ? -5.23362  -5.83616 -4.26847  1.000 10.20218 ? 11  NH2 B HN1  1 
HETATM 325 H  HN2  . NH2 B 1 11 ? -4.94034  -4.87162 -5.25431  1.000 10.20218 ? 11  NH2 B HN2  1 
HETATM 326 CO CO   . CO  C 2 .  ? 8.12950   7.37560  -0.66298  1.000 10.37298 ? 101 CO  A CO   1 
HETATM 327 O  O    . HOH D 3 .  ? 9.65596   5.87232  3.73647   1.000 23.64968 ? 201 HOH A O    1 
HETATM 328 O  O    . HOH D 3 .  ? 9.38100   2.01367  3.64422   1.000 12.46860 ? 202 HOH A O    1 
HETATM 329 O  O    . HOH D 3 .  ? 6.80108   9.33021  3.63356   1.000 17.19240 ? 203 HOH A O    1 
HETATM 330 O  O    . HOH D 3 .  ? 10.57592  3.91324  4.96777   1.000 31.92610 ? 204 HOH A O    1 
HETATM 331 O  O    . HOH D 3 .  ? 8.96868   6.68083  5.91921   1.000 29.33136 ? 205 HOH A O    1 
HETATM 332 O  O    . HOH D 3 .  ? 7.57686   8.51544  6.12863   1.000 21.21106 ? 206 HOH A O    1 
HETATM 333 O  O    . HOH E 3 .  ? -4.35572  -5.89135 8.97815   1.000 40.21502 ? 101 HOH B O    1 
HETATM 334 O  O    . HOH E 3 .  ? -8.61883  -3.62752 -3.84627  1.000 12.84560 ? 102 HOH B O    1 
HETATM 335 O  O    . HOH E 3 .  ? -9.72405  -3.23800 0.31685   1.000 11.23574 ? 103 HOH B O    1 
HETATM 336 O  O    . HOH E 3 .  ? -7.42887  -5.75480 -2.59590  1.000 11.64420 ? 104 HOH B O    1 
HETATM 337 O  O    . HOH E 3 .  ? -7.65691  -8.64119 -2.84649  1.000 12.62150 ? 105 HOH B O    1 
HETATM 338 O  O    . HOH E 3 .  ? -9.74028  -4.02204 -6.36100  1.000 23.73747 ? 106 HOH B O    1 
HETATM 339 O  O    . HOH E 3 .  ? -14.33613 5.78607  -8.81833  1.000 24.93905 ? 107 HOH B O    1 
HETATM 340 O  O    . HOH E 3 .  ? -15.94454 3.91313  -10.29535 1.000 16.06464 ? 108 HOH B O    1 
HETATM 341 O  O    . HOH E 3 .  ? -17.83458 3.09185  -8.51705  1.000 41.78806 ? 109 HOH B O    1 
HETATM 342 O  O    . HOH E 3 .  ? -14.72266 -7.94040 -7.57661  1.000 20.79419 ? 110 HOH B O    1 
HETATM 343 O  O    . HOH E 3 .  ? -15.16189 -6.46376 -9.95194  1.000 25.78638 ? 111 HOH B O    1 
# 
loop_
_atom_site_anisotrop.id 
_atom_site_anisotrop.type_symbol 
_atom_site_anisotrop.pdbx_label_atom_id 
_atom_site_anisotrop.pdbx_label_alt_id 
_atom_site_anisotrop.pdbx_label_comp_id 
_atom_site_anisotrop.pdbx_label_asym_id 
_atom_site_anisotrop.pdbx_label_seq_id 
_atom_site_anisotrop.pdbx_PDB_ins_code 
_atom_site_anisotrop.U[1][1] 
_atom_site_anisotrop.U[2][2] 
_atom_site_anisotrop.U[3][3] 
_atom_site_anisotrop.U[1][2] 
_atom_site_anisotrop.U[1][3] 
_atom_site_anisotrop.U[2][3] 
_atom_site_anisotrop.pdbx_auth_seq_id 
_atom_site_anisotrop.pdbx_auth_comp_id 
_atom_site_anisotrop.pdbx_auth_asym_id 
_atom_site_anisotrop.pdbx_auth_atom_id 
1   C  C   . ACE A 1  ? 0.07529 0.07207 0.06009 0.01843  -0.00587 0.00585  1   ACE A C   
2   O  O   . ACE A 1  ? 0.07056 0.10919 0.05732 0.02146  -0.00898 0.00797  1   ACE A O   
7   N  N   . LEU A 2  ? 0.07367 0.07280 0.05880 0.01641  -0.01104 0.00756  2   LEU A N   
8   C  CA  . LEU A 2  ? 0.07403 0.07055 0.05213 0.01139  -0.01086 0.00734  2   LEU A CA  
9   C  C   . LEU A 2  ? 0.06129 0.07478 0.05145 0.00995  -0.01334 0.00994  2   LEU A C   
10  O  O   . LEU A 2  ? 0.06791 0.07556 0.05680 0.00945  -0.01669 0.01114  2   LEU A O   
11  C  CB  . LEU A 2  ? 0.08192 0.07074 0.06248 0.01138  -0.00992 0.01059  2   LEU A CB  
12  C  CG  . LEU A 2  ? 0.09489 0.07922 0.07434 0.00313  -0.01639 0.02331  2   LEU A CG  
13  C  CD1 . LEU A 2  ? 0.13459 0.10390 0.09683 -0.01390 0.01392  0.01806  2   LEU A CD1 
14  C  CD2 . LEU A 2  ? 0.13147 0.08113 0.09404 -0.02122 -0.01321 0.01132  2   LEU A CD2 
26  N  N   . AIB A 3  ? 0.06920 0.06932 0.05774 0.00565  -0.00981 0.01191  3   AIB A N   
27  C  CA  . AIB A 3  ? 0.06986 0.06269 0.06678 0.00907  -0.01070 0.01530  3   AIB A CA  
28  C  C   . AIB A 3  ? 0.06437 0.07844 0.06380 0.00463  -0.01673 0.01867  3   AIB A C   
29  O  O   . AIB A 3  ? 0.06556 0.08209 0.06683 0.00585  -0.01426 0.01784  3   AIB A O   
30  C  CB1 . AIB A 3  ? 0.07440 0.06708 0.07219 0.00255  -0.00899 0.01242  3   AIB A CB1 
31  C  CB2 . AIB A 3  ? 0.07828 0.07650 0.07063 0.00002  -0.01219 0.01364  3   AIB A CB2 
39  N  N   . GLU A 4  ? 0.06552 0.09886 0.06715 0.00491  -0.01251 0.01851  4   GLU A N   
40  C  CA  . GLU A 4  ? 0.07251 0.12576 0.07304 -0.00014 -0.00726 0.01872  4   GLU A CA  
41  C  C   . GLU A 4  ? 0.07235 0.11519 0.06316 0.01539  -0.00615 0.01491  4   GLU A C   
42  O  O   . GLU A 4  ? 0.07874 0.12001 0.06509 0.01623  -0.00401 0.01985  4   GLU A O   
43  C  CB  . GLU A 4  ? 0.08422 0.19213 0.09072 -0.02498 0.00592  0.00883  4   GLU A CB  
44  C  CG  . GLU A 4  ? 0.09941 0.22967 0.10015 -0.05262 0.00151  0.00422  4   GLU A CG  
45  C  CD  . GLU A 4  ? 0.09563 0.22629 0.09217 -0.05770 0.00529  -0.01562 4   GLU A CD  
46  O  OE1 . GLU A 4  ? 0.10348 0.20749 0.08964 -0.05364 0.01211  -0.00543 4   GLU A OE1 
47  O  OE2 . GLU A 4  ? 0.11016 0.25126 0.10137 -0.06957 0.01991  -0.03770 4   GLU A OE2 
54  N  N   . AIB A 5  ? 0.07608 0.10665 0.05899 0.02511  -0.00821 0.01083  5   AIB A N   
55  C  CA  . AIB A 5  ? 0.08967 0.09411 0.05996 0.02169  -0.01094 0.00838  5   AIB A CA  
56  C  C   . AIB A 5  ? 0.08567 0.08410 0.05922 0.01534  -0.00846 0.00768  5   AIB A C   
57  O  O   . AIB A 5  ? 0.09205 0.08252 0.05637 0.01785  -0.01379 0.01145  5   AIB A O   
58  C  CB1 . AIB A 5  ? 0.09249 0.09564 0.07495 0.03074  -0.00020 0.00711  5   AIB A CB1 
59  C  CB2 . AIB A 5  ? 0.10056 0.07321 0.06242 0.03205  -0.00909 0.01142  5   AIB A CB2 
67  N  N   . LEU A 6  ? 0.07480 0.06823 0.05675 0.01186  -0.01357 0.01328  6   LEU A N   
68  C  CA  . LEU A 6  ? 0.06915 0.06513 0.06036 0.00511  -0.01350 0.01126  6   LEU A CA  
69  C  C   . LEU A 6  ? 0.06339 0.07077 0.06055 0.00635  -0.01190 0.00929  6   LEU A C   
70  O  O   . LEU A 6  ? 0.06280 0.08133 0.05946 0.00170  -0.01836 0.01796  6   LEU A O   
71  C  CB  . LEU A 6  ? 0.07116 0.06892 0.06145 0.00093  -0.00822 0.01558  6   LEU A CB  
72  C  CG  . LEU A 6  ? 0.07410 0.08109 0.06901 0.00320  -0.00604 0.01307  6   LEU A CG  
73  C  CD1 . LEU A 6  ? 0.06472 0.07573 0.11017 0.00984  -0.00650 0.01236  6   LEU A CD1 
74  C  CD2 . LEU A 6  ? 0.08259 0.10030 0.08103 0.00111  0.00851  0.00133  6   LEU A CD2 
86  N  N   . HIS A 7  ? 0.06712 0.06738 0.05495 0.00473  -0.01107 0.01401  7   HIS A N   
87  C  CA  . HIS A 7  ? 0.07325 0.06895 0.05819 0.00158  -0.00284 0.01549  7   HIS A CA  
88  C  C   . HIS A 7  ? 0.07815 0.07451 0.05651 -0.00076 -0.00686 0.01522  7   HIS A C   
89  O  O   . HIS A 7  ? 0.09361 0.09556 0.06610 -0.00019 -0.00889 0.02442  7   HIS A O   
90  C  CB  . HIS A 7  ? 0.07192 0.09790 0.06193 -0.01032 0.00400  0.00768  7   HIS A CB  
91  C  CG  . HIS A 7  ? 0.06642 0.08539 0.06806 -0.00596 0.00371  0.00413  7   HIS A CG  
92  N  ND1 . HIS A 7  ? 0.09232 0.14870 0.08824 -0.04655 0.02832  -0.03904 7   HIS A ND1 
93  C  CD2 . HIS A 7  ? 0.06402 0.06820 0.06973 0.00091  -0.00374 0.01465  7   HIS A CD2 
94  C  CE1 . HIS A 7  ? 0.09575 0.13448 0.08957 -0.03806 0.02300  -0.03345 7   HIS A CE1 
95  N  NE2 . HIS A 7  ? 0.08240 0.09848 0.07349 -0.01307 0.00897  -0.00419 7   HIS A NE2 
103 N  N   . GLN A 8  ? 0.06871 0.09444 0.05839 -0.00249 -0.01050 0.00972  8   GLN A N   
104 C  CA  . GLN A 8  ? 0.07372 0.11296 0.06410 -0.00305 -0.00743 0.00224  8   GLN A CA  
105 C  C   . GLN A 8  ? 0.07389 0.09640 0.06210 0.00515  -0.00913 0.00453  8   GLN A C   
106 O  O   . GLN A 8  ? 0.08571 0.12558 0.05439 -0.00693 -0.01243 0.01222  8   GLN A O   
107 C  CB  . GLN A 8  ? 0.07327 0.13012 0.07233 -0.00180 -0.00677 -0.00647 8   GLN A CB  
108 C  CG  . GLN A 8  ? 0.09285 0.17408 0.08547 -0.02366 0.00798  -0.02009 8   GLN A CG  
109 C  CD  . GLN A 8  ? 0.13474 0.25531 0.08626 -0.07832 0.01282  -0.03058 8   GLN A CD  
110 O  OE1 . GLN A 8  ? 0.17273 0.33510 0.10113 -0.12127 0.00715  -0.01474 8   GLN A OE1 
111 N  NE2 . GLN A 8  ? 0.13283 0.27517 0.08688 -0.08927 0.00956  -0.02903 8   GLN A NE2 
120 N  N   . AIB A 9  ? 0.07704 0.08709 0.05706 0.00314  -0.01604 0.00895  9   AIB A N   
121 C  CA  . AIB A 9  ? 0.08451 0.08344 0.06436 0.00217  -0.01947 0.01042  9   AIB A CA  
122 C  C   . AIB A 9  ? 0.08635 0.08664 0.05693 0.00333  -0.02286 0.00855  9   AIB A C   
123 O  O   . AIB A 9  ? 0.07943 0.08905 0.06642 0.00359  -0.02408 0.00757  9   AIB A O   
124 C  CB1 . AIB A 9  ? 0.08838 0.08162 0.08249 0.00361  -0.02493 0.00196  9   AIB A CB1 
125 C  CB2 . AIB A 9  ? 0.09750 0.08362 0.08150 -0.00767 -0.02419 0.02153  9   AIB A CB2 
133 N  N   . LEU A 10 ? 0.08719 0.08333 0.06528 0.01370  -0.02865 0.00749  10  LEU A N   
134 C  CA  . LEU A 10 ? 0.09930 0.09969 0.07366 0.02356  -0.02507 0.00618  10  LEU A CA  
135 C  C   . LEU A 10 ? 0.13480 0.10189 0.07093 0.02627  -0.01349 0.01417  10  LEU A C   
136 O  O   . LEU A 10 ? 0.14974 0.09444 0.08148 0.02374  -0.02913 0.01021  10  LEU A O   
137 C  CB  . LEU A 10 ? 0.08961 0.09987 0.08738 0.02988  -0.02930 0.00383  10  LEU A CB  
138 C  CG  . LEU A 10 ? 0.10550 0.15162 0.09914 0.00496  -0.01993 -0.01699 10  LEU A CG  
139 C  CD1 . LEU A 10 ? 0.10479 0.15322 0.08829 0.01389  -0.01833 -0.00559 10  LEU A CD1 
140 C  CD2 . LEU A 10 ? 0.11917 0.16928 0.12264 -0.00638 -0.00951 -0.01953 10  LEU A CD2 
152 N  N   . NH2 A 11 ? 0.16640 0.14024 0.11361 0.01585  0.01526  0.04702  11  NH2 A N   
155 C  C   . ACE B 1  ? 0.13542 0.10124 0.07441 -0.03421 0.02162  -0.02865 1   ACE B C   
156 O  O   . ACE B 1  ? 0.13941 0.15564 0.08621 -0.06314 0.02568  -0.04923 1   ACE B O   
161 N  N   . LEU B 2  ? 0.13086 0.08136 0.07168 -0.02444 0.02208  -0.01287 2   LEU B N   
162 C  CA  . LEU B 2  ? 0.13229 0.07997 0.07267 -0.02902 0.02326  -0.01385 2   LEU B CA  
163 C  C   . LEU B 2  ? 0.14409 0.08213 0.07632 -0.03960 0.03334  -0.01935 2   LEU B C   
164 O  O   . LEU B 2  ? 0.13198 0.09236 0.06835 -0.03708 0.02746  -0.01714 2   LEU B O   
165 C  CB  . LEU B 2  ? 0.13097 0.06952 0.08733 -0.01980 0.02632  -0.01704 2   LEU B CB  
166 C  CG  . LEU B 2  ? 0.12170 0.07609 0.09935 -0.00941 0.01852  -0.00652 2   LEU B CG  
167 C  CD1 . LEU B 2  ? 0.12227 0.09375 0.10729 -0.01318 0.02467  0.00325  2   LEU B CD1 
168 C  CD2 . LEU B 2  ? 0.11042 0.10898 0.12883 -0.00942 0.02268  -0.02614 2   LEU B CD2 
180 N  N   . AIB B 3  ? 0.16336 0.07630 0.07349 -0.04218 0.03748  -0.01696 3   AIB B N   
181 C  CA  . AIB B 3  ? 0.17567 0.08119 0.07882 -0.04129 0.04589  -0.02202 3   AIB B CA  
182 C  C   . AIB B 3  ? 0.17040 0.08699 0.06810 -0.04566 0.03747  -0.01272 3   AIB B C   
183 O  O   . AIB B 3  ? 0.18103 0.09490 0.08056 -0.04816 0.04077  -0.02469 3   AIB B O   
184 C  CB1 . AIB B 3  ? 0.17417 0.09214 0.08568 -0.03348 0.04918  -0.01460 3   AIB B CB1 
185 C  CB2 . AIB B 3  ? 0.17495 0.07820 0.09257 -0.03775 0.03347  -0.01067 3   AIB B CB2 
193 N  N   . GLU B 4  ? 0.15940 0.10747 0.08355 -0.06228 0.03837  -0.02322 4   GLU B N   
194 C  CA  . GLU B 4  ? 0.15531 0.13108 0.08804 -0.07046 0.04443  -0.02336 4   GLU B CA  
195 C  C   . GLU B 4  ? 0.13647 0.12217 0.08554 -0.05887 0.04204  -0.03108 4   GLU B C   
196 O  O   . GLU B 4  ? 0.13970 0.12756 0.09563 -0.06615 0.04578  -0.04366 4   GLU B O   
197 C  CB  . GLU B 4  ? 0.16045 0.19251 0.10447 -0.08304 0.05063  -0.02846 4   GLU B CB  
198 C  CG  . GLU B 4  ? 0.17364 0.23354 0.10740 -0.10242 0.04057  -0.02377 4   GLU B CG  
199 C  CD  . GLU B 4  ? 0.18084 0.24133 0.11169 -0.10745 0.04264  -0.02714 4   GLU B CD  
200 O  OE1 . GLU B 4  ? 0.16244 0.21955 0.11274 -0.10734 0.03570  -0.03884 4   GLU B OE1 
201 O  OE2 . GLU B 4  ? 0.20570 0.26932 0.15262 -0.12475 0.05578  -0.03250 4   GLU B OE2 
208 N  N   . AIB B 5  ? 0.12996 0.11947 0.08872 -0.05730 0.03358  -0.03083 5   AIB B N   
209 C  CA  . AIB B 5  ? 0.12570 0.11916 0.08832 -0.05006 0.03695  -0.03510 5   AIB B CA  
210 C  C   . AIB B 5  ? 0.11329 0.10593 0.07964 -0.04281 0.02475  -0.02476 5   AIB B C   
211 O  O   . AIB B 5  ? 0.11905 0.09216 0.08057 -0.03516 0.02353  -0.01915 5   AIB B O   
212 C  CB1 . AIB B 5  ? 0.11162 0.13451 0.11299 -0.04011 0.03339  -0.03137 5   AIB B CB1 
213 C  CB2 . AIB B 5  ? 0.13720 0.11195 0.10410 -0.05284 0.03620  -0.03543 5   AIB B CB2 
221 N  N   . LEU B 6  ? 0.11975 0.10801 0.06506 -0.05127 0.02462  -0.02422 6   LEU B N   
222 C  CA  . LEU B 6  ? 0.11161 0.09135 0.07120 -0.03113 0.01738  -0.00994 6   LEU B CA  
223 C  C   . LEU B 6  ? 0.12289 0.08779 0.07631 -0.03596 0.02703  -0.02125 6   LEU B C   
224 O  O   . LEU B 6  ? 0.11202 0.09676 0.07105 -0.03289 0.01731  -0.01974 6   LEU B O   
225 C  CB  . LEU B 6  ? 0.12296 0.09301 0.07433 -0.02871 0.01341  -0.00483 6   LEU B CB  
226 C  CG  . LEU B 6  ? 0.11928 0.08013 0.07783 -0.01927 0.00715  0.00066  6   LEU B CG  
227 C  CD1 . LEU B 6  ? 0.10686 0.07947 0.08353 -0.01396 0.00690  0.00109  6   LEU B CD1 
228 C  CD2 . LEU B 6  ? 0.11580 0.11173 0.09726 -0.01798 -0.00050 0.00867  6   LEU B CD2 
240 N  N   . HIS B 7  ? 0.14063 0.10334 0.07525 -0.05225 0.03196  -0.02530 7   HIS B N   
241 C  CA  . HIS B 7  ? 0.15441 0.10202 0.08697 -0.06293 0.03713  -0.02737 7   HIS B CA  
242 C  C   . HIS B 7  ? 0.13193 0.10048 0.07523 -0.05442 0.03288  -0.02393 7   HIS B C   
243 O  O   . HIS B 7  ? 0.13158 0.11662 0.08040 -0.05976 0.02960  -0.02790 7   HIS B O   
244 C  CB  . HIS B 7  ? 0.17156 0.12186 0.08315 -0.07550 0.03809  -0.02207 7   HIS B CB  
245 C  CG  . HIS B 7  ? 0.17642 0.12621 0.08353 -0.07917 0.03712  -0.01843 7   HIS B CG  
246 N  ND1 . HIS B 7  ? 0.18052 0.13465 0.10133 -0.08575 0.03178  -0.02165 7   HIS B ND1 
247 C  CD2 . HIS B 7  ? 0.17494 0.14503 0.07772 -0.09234 0.02514  -0.01788 7   HIS B CD2 
248 C  CE1 . HIS B 7  ? 0.17717 0.15027 0.11129 -0.09092 0.02913  -0.02287 7   HIS B CE1 
249 N  NE2 . HIS B 7  ? 0.17418 0.14404 0.09514 -0.09168 0.02904  -0.02327 7   HIS B NE2 
257 N  N   A GLN B 8  ? 0.12156 0.10489 0.08666 -0.05427 0.03654  -0.02859 8   GLN B N   
258 N  N   B GLN B 8  ? 0.12796 0.10955 0.08780 -0.05627 0.03683  -0.03161 8   GLN B N   
259 C  CA  A GLN B 8  ? 0.10336 0.11085 0.08105 -0.04894 0.02377  -0.02398 8   GLN B CA  
260 C  CA  B GLN B 8  ? 0.12123 0.11970 0.09565 -0.05625 0.03693  -0.03848 8   GLN B CA  
261 C  C   A GLN B 8  ? 0.09358 0.09227 0.07603 -0.03562 0.01428  -0.01783 8   GLN B C   
262 C  C   B GLN B 8  ? 0.10423 0.10205 0.08744 -0.04062 0.02610  -0.02933 8   GLN B C   
263 O  O   A GLN B 8  ? 0.10053 0.10736 0.07859 -0.04578 0.02005  -0.02648 8   GLN B O   
264 O  O   B GLN B 8  ? 0.10593 0.10870 0.08997 -0.04403 0.02833  -0.03349 8   GLN B O   
265 C  CB  A GLN B 8  ? 0.09958 0.11613 0.08019 -0.04647 0.02835  -0.02625 8   GLN B CB  
266 C  CB  B GLN B 8  ? 0.13121 0.14123 0.11098 -0.06730 0.05018  -0.05448 8   GLN B CB  
267 C  CG  A GLN B 8  ? 0.08159 0.11843 0.08250 -0.03405 0.01222  -0.01759 8   GLN B CG  
268 C  CG  B GLN B 8  ? 0.13545 0.16222 0.12756 -0.07447 0.05342  -0.06071 8   GLN B CG  
269 C  CD  A GLN B 8  ? 0.08875 0.10110 0.07445 -0.03142 0.01630  -0.00980 8   GLN B CD  
270 C  CD  B GLN B 8  ? 0.14172 0.17136 0.13330 -0.08062 0.05967  -0.06871 8   GLN B CD  
271 O  OE1 A GLN B 8  ? 0.09101 0.11324 0.08302 -0.03799 0.00425  0.00312  8   GLN B OE1 
272 O  OE1 B GLN B 8  ? 0.14102 0.16530 0.13611 -0.07761 0.06112  -0.07529 8   GLN B OE1 
273 N  NE2 A GLN B 8  ? 0.10486 0.10397 0.07654 -0.03985 0.02946  -0.01471 8   GLN B NE2 
274 N  NE2 B GLN B 8  ? 0.14359 0.17179 0.13667 -0.08105 0.05956  -0.06804 8   GLN B NE2 
291 N  N   . AIB B 9  ? 0.08712 0.08496 0.08073 -0.02439 0.01842  -0.02217 9   AIB B N   
292 C  CA  . AIB B 9  ? 0.08283 0.07989 0.07056 -0.01940 0.01305  -0.02020 9   AIB B CA  
293 C  C   . AIB B 9  ? 0.09514 0.07008 0.06396 -0.01694 0.01390  -0.01097 9   AIB B C   
294 O  O   . AIB B 9  ? 0.11394 0.06841 0.06903 -0.01412 0.01915  -0.00842 9   AIB B O   
295 C  CB1 . AIB B 9  ? 0.08190 0.09052 0.08844 -0.01391 0.01213  -0.01530 9   AIB B CB1 
296 C  CB2 . AIB B 9  ? 0.08451 0.08450 0.07836 -0.02646 0.01487  -0.02084 9   AIB B CB2 
304 N  N   . LEU B 10 ? 0.09845 0.07383 0.06449 -0.01673 0.02197  -0.01317 10  LEU B N   
305 C  CA  . LEU B 10 ? 0.10733 0.07156 0.07171 -0.01574 0.01710  -0.00870 10  LEU B CA  
306 C  C   . LEU B 10 ? 0.12794 0.08246 0.07326 -0.03509 0.02062  -0.01498 10  LEU B C   
307 O  O   . LEU B 10 ? 0.13588 0.08646 0.08701 -0.03125 0.03119  -0.02754 10  LEU B O   
308 C  CB  . LEU B 10 ? 0.11109 0.06633 0.07869 -0.00141 0.01530  -0.00368 10  LEU B CB  
309 C  CG  . LEU B 10 ? 0.10331 0.09484 0.09163 0.00391  0.00608  0.00586  10  LEU B CG  
310 C  CD1 . LEU B 10 ? 0.11403 0.09749 0.08825 0.00057  0.00967  -0.01205 10  LEU B CD1 
311 C  CD2 . LEU B 10 ? 0.10892 0.13830 0.12206 -0.01175 0.00616  0.02157  10  LEU B CD2 
323 N  N   . NH2 B 11 ? 0.13877 0.09465 0.08934 -0.04772 0.02406  -0.02350 11  NH2 B N   
326 CO CO  . CO  C .  ? 0.09812 0.19788 0.09812 -0.06656 0.02981  -0.04501 101 CO  A CO  
327 O  O   . HOH D .  ? 0.37589 0.31768 0.20502 -0.13598 0.01632  -0.03436 201 HOH A O   
328 O  O   . HOH D .  ? 0.12036 0.18126 0.17214 0.02383  0.02674  0.07098  202 HOH A O   
329 O  O   . HOH D .  ? 0.17071 0.28096 0.20157 -0.07495 0.05449  -0.01266 203 HOH A O   
330 O  O   . HOH D .  ? 0.37203 0.44398 0.39704 -0.04609 -0.03451 -0.05891 204 HOH A O   
331 O  O   . HOH D .  ? 0.41131 0.37409 0.32906 -0.09369 -0.00414 0.05316  205 HOH A O   
332 O  O   . HOH D .  ? 0.25272 0.36353 0.18967 -0.07368 0.03273  0.07542  206 HOH A O   
333 O  O   . HOH E .  ? 0.50413 0.48472 0.53914 -0.00849 0.04167  0.02595  101 HOH B O   
334 O  O   . HOH E .  ? 0.14280 0.21215 0.13313 -0.09542 0.03553  -0.02873 102 HOH B O   
335 O  O   . HOH E .  ? 0.15307 0.17465 0.09919 -0.07325 0.00146  -0.01307 103 HOH B O   
336 O  O   . HOH E .  ? 0.16420 0.17007 0.10815 -0.09407 0.03776  -0.02077 104 HOH B O   
337 O  O   . HOH E .  ? 0.16082 0.20836 0.11039 -0.09119 0.03465  -0.04638 105 HOH B O   
338 O  O   . HOH E .  ? 0.29060 0.36086 0.25046 -0.02671 0.02349  -0.02041 106 HOH B O   
339 O  O   . HOH E .  ? 0.39844 0.25515 0.29398 -0.04489 0.06015  -0.15098 107 HOH B O   
340 O  O   . HOH E .  ? 0.12681 0.17093 0.31265 -0.02643 -0.00134 -0.07319 108 HOH B O   
341 O  O   . HOH E .  ? 0.51893 0.55309 0.51575 -0.04242 -0.00185 0.01728  109 HOH B O   
342 O  O   . HOH E .  ? 0.22603 0.32135 0.24270 0.07799  -0.00418 -0.01151 110 HOH B O   
343 O  O   . HOH E .  ? 0.25271 0.35414 0.37291 0.06262  -0.02933 0.01738  111 HOH B O   
# 
